data_4GB9
#
_entry.id   4GB9
#
_cell.length_a   139.350
_cell.length_b   66.020
_cell.length_c   102.280
_cell.angle_alpha   90.000
_cell.angle_beta   98.000
_cell.angle_gamma   90.000
#
_symmetry.space_group_name_H-M   'C 1 2 1'
#
loop_
_entity.id
_entity.type
_entity.pdbx_description
1 polymer 'Phosphatidylinositol 4,5-bisphosphate 3-kinase catalytic subunit gamma isoform'
2 non-polymer 2-[1-({2-[2-(dimethylamino)-1H-benzimidazol-1-yl]-9-methyl-6-(morpholin-4-yl)-9H-purin-8-yl}methyl)piperidin-4-yl]propan-2-ol
3 water water
#
_entity_poly.entity_id   1
_entity_poly.type   'polypeptide(L)'
_entity_poly.pdbx_seq_one_letter_code
;MSEESQAFQRQLTALIGYDVTDVSNVHDDELEFTRRGLVTPRMAEVASRDPKLYAMHPWVTSKPLPEYLWKKIANNCIFI
VIHRSTTSQTIKVSPDDTPGAILQSFFTKMAKKKSLMDIPESQSEQDFVLRVCGRDEYLVGETPIKNFQWVRHCLKNGEE
IHVVLDTPPDPALDEVRKEEWPLVDDCTGVTGYHEQLTIHGKDHESVFTVSLWDCDRKFRVKIRGIDIPVLPRNTDLTVF
VEANIQHGQQVLCQRRTSPKPFTEEVLWNVWLEFSIKIKDLPKGALLNLQIYCGKAPALSSKASAESPSSESKGKVQLLY
YVNLLLIDHRFLLRRGEYVLHMWQISGKGEDQGSFNADKLTSATNPDKENSMSISILLDNYCHPIALPKHQPTPDPEGDR
VRAEMPNQLRKQLEAIIATDPLNPLTAEDKELLWHFRYESLKHPKAYPKLFSSVKWGQQEIVAKTYQLLARREVWDQSAL
DVGLTMQLLDCNFSDENVRAIAVQKLESLEDDDVLHYLLQLVQAVKFEPYHDSALARFLLKRGLRNKRIGHFLFWFLRSE
IAQSRHYQQRFAVILEAYLRGCGTAMLHDFTQQVQVIEMLQKVTLDIKSLSAEKYDVSSQVISQLKQKLENLQNSQLPES
FRVPYDPGLKAGALAIEKCKVMASKKKPLWLEFKCADPTALSNETIGIIFKHGDDLRQDMLILQILRIMESIWETESLDL
CLLPYGCISTGDKIGMIEIVKDATTIAKIQQSTVGNTGAFKDEVLNHWLKEKSPTEEKFQAAVERFVYSCAGYCVATFVL
GIGDRHNDNIMITETGNLFHIDFGHILGNYKSFLGINKERVPFVLTPDFLFVMGTSGKKTSPHFQKFQDICVKAYLALRH
HTNLLIILFSMMLMTGMPQLTSKEDIEYIRDALTVGKNEEDAKKYFLDQIEVCRDKGWTVQFNWFLHLVLGIKQGEKHSA
HHHHHH
;
_entity_poly.pdbx_strand_id   A
#
loop_
_chem_comp.id
_chem_comp.type
_chem_comp.name
_chem_comp.formula
0WR non-polymer 2-[1-({2-[2-(dimethylamino)-1H-benzimidazol-1-yl]-9-methyl-6-(morpholin-4-yl)-9H-purin-8-yl}methyl)piperidin-4-yl]propan-2-ol 'C28 H39 N9 O2'
#
# COMPACT_ATOMS: atom_id res chain seq x y z
N MET A 1 -6.02 -26.27 -27.97
CA MET A 1 -5.47 -24.95 -28.20
C MET A 1 -4.19 -25.01 -29.04
N SER A 2 -3.72 -23.87 -29.52
CA SER A 2 -2.52 -23.85 -30.36
C SER A 2 -1.22 -24.06 -29.58
N GLU A 3 -0.17 -24.51 -30.27
CA GLU A 3 1.14 -24.73 -29.66
C GLU A 3 1.75 -23.47 -29.07
N GLU A 4 1.42 -22.34 -29.70
CA GLU A 4 1.89 -21.06 -29.22
C GLU A 4 1.02 -20.61 -28.11
N SER A 5 -0.24 -20.95 -28.23
CA SER A 5 -1.21 -20.51 -27.24
C SER A 5 -0.87 -21.11 -25.88
N GLN A 6 -0.30 -22.30 -25.88
CA GLN A 6 0.07 -22.88 -24.60
C GLN A 6 1.37 -22.32 -24.04
N ALA A 7 2.31 -21.96 -24.92
CA ALA A 7 3.57 -21.36 -24.46
C ALA A 7 3.36 -19.95 -23.91
N PHE A 8 2.41 -19.24 -24.47
CA PHE A 8 2.05 -17.93 -23.98
C PHE A 8 1.56 -18.08 -22.53
N GLN A 9 0.52 -18.90 -22.36
CA GLN A 9 -0.04 -19.13 -21.04
C GLN A 9 1.04 -19.59 -20.00
N ARG A 10 2.10 -20.27 -20.48
CA ARG A 10 3.22 -20.69 -19.64
C ARG A 10 4.12 -19.50 -19.30
N GLN A 11 4.15 -18.53 -20.19
CA GLN A 11 4.86 -17.28 -19.97
C GLN A 11 4.07 -16.50 -18.88
N LEU A 12 2.76 -16.33 -19.05
CA LEU A 12 1.91 -15.70 -18.02
C LEU A 12 2.17 -16.28 -16.65
N THR A 13 2.18 -17.60 -16.55
CA THR A 13 2.39 -18.23 -15.25
C THR A 13 3.71 -17.82 -14.66
N ALA A 14 4.74 -17.70 -15.48
CA ALA A 14 6.03 -17.34 -14.93
C ALA A 14 5.99 -15.90 -14.40
N LEU A 15 5.20 -15.03 -15.02
CA LEU A 15 5.14 -13.65 -14.55
C LEU A 15 4.27 -13.54 -13.31
N ILE A 16 3.14 -14.24 -13.34
CA ILE A 16 2.21 -14.20 -12.23
C ILE A 16 2.81 -14.86 -10.98
N GLY A 17 3.44 -16.00 -11.21
CA GLY A 17 3.97 -16.81 -10.12
C GLY A 17 2.89 -17.75 -9.58
N TYR A 18 1.81 -17.89 -10.34
CA TYR A 18 0.75 -18.80 -9.95
C TYR A 18 0.12 -19.26 -11.25
N ASP A 19 -0.29 -20.51 -11.31
CA ASP A 19 -0.89 -21.02 -12.52
C ASP A 19 -2.39 -20.91 -12.31
N VAL A 20 -3.03 -20.11 -13.14
CA VAL A 20 -4.44 -19.89 -12.97
C VAL A 20 -5.28 -20.85 -13.78
N THR A 21 -4.62 -21.71 -14.54
CA THR A 21 -5.28 -22.80 -15.25
C THR A 21 -5.28 -24.06 -14.40
N ASP A 22 -4.63 -23.98 -13.24
CA ASP A 22 -4.47 -25.11 -12.33
C ASP A 22 -5.64 -25.02 -11.35
N VAL A 23 -6.52 -26.00 -11.35
CA VAL A 23 -7.73 -26.00 -10.52
C VAL A 23 -7.69 -26.81 -9.21
N SER A 24 -6.51 -27.02 -8.66
CA SER A 24 -6.34 -27.84 -7.45
C SER A 24 -7.14 -27.47 -6.16
N ASN A 25 -7.27 -26.19 -5.83
CA ASN A 25 -8.04 -25.74 -4.66
C ASN A 25 -9.27 -24.85 -5.01
N VAL A 26 -10.42 -25.46 -5.31
CA VAL A 26 -11.69 -24.74 -5.54
C VAL A 26 -12.89 -25.69 -5.45
N HIS A 27 -13.99 -25.19 -4.91
CA HIS A 27 -15.26 -25.91 -4.94
C HIS A 27 -16.25 -25.46 -5.99
N ASP A 28 -15.86 -24.55 -6.86
CA ASP A 28 -16.79 -24.06 -7.86
C ASP A 28 -16.00 -23.42 -8.99
N ASP A 29 -16.71 -22.88 -9.97
CA ASP A 29 -16.14 -22.32 -11.21
C ASP A 29 -15.95 -20.80 -11.23
N GLU A 30 -16.14 -20.17 -10.09
CA GLU A 30 -16.05 -18.71 -9.97
C GLU A 30 -14.75 -18.14 -10.57
N LEU A 31 -13.60 -18.72 -10.25
CA LEU A 31 -12.34 -18.21 -10.80
C LEU A 31 -12.32 -18.25 -12.34
N GLU A 32 -12.83 -19.32 -12.93
CA GLU A 32 -12.86 -19.43 -14.38
C GLU A 32 -13.89 -18.49 -14.98
N PHE A 33 -14.98 -18.27 -14.26
CA PHE A 33 -16.06 -17.35 -14.64
C PHE A 33 -15.48 -15.95 -14.68
N THR A 34 -14.70 -15.62 -13.66
CA THR A 34 -14.11 -14.30 -13.58
C THR A 34 -13.06 -14.00 -14.66
N ARG A 35 -12.30 -15.02 -15.06
CA ARG A 35 -11.31 -14.89 -16.14
C ARG A 35 -12.05 -14.44 -17.41
N ARG A 36 -13.18 -15.06 -17.70
CA ARG A 36 -13.98 -14.70 -18.88
C ARG A 36 -14.61 -13.32 -18.70
N GLY A 37 -15.10 -13.05 -17.49
CA GLY A 37 -15.75 -11.79 -17.27
C GLY A 37 -14.81 -10.59 -17.40
N LEU A 38 -13.50 -10.79 -17.23
CA LEU A 38 -12.57 -9.66 -17.26
C LEU A 38 -12.13 -9.34 -18.67
N VAL A 39 -12.50 -10.21 -19.62
CA VAL A 39 -12.10 -10.03 -21.00
C VAL A 39 -12.67 -8.77 -21.63
N THR A 40 -13.94 -8.48 -21.35
CA THR A 40 -14.63 -7.29 -21.88
C THR A 40 -14.04 -5.95 -21.33
N PRO A 41 -13.94 -5.78 -19.99
CA PRO A 41 -13.31 -4.57 -19.42
C PRO A 41 -11.91 -4.32 -19.96
N ARG A 42 -11.13 -5.39 -20.03
CA ARG A 42 -9.79 -5.39 -20.59
C ARG A 42 -9.86 -4.80 -21.98
N MET A 43 -10.58 -5.51 -22.83
CA MET A 43 -10.70 -5.18 -24.24
C MET A 43 -11.24 -3.72 -24.42
N ALA A 44 -12.26 -3.35 -23.65
CA ALA A 44 -12.81 -1.99 -23.64
C ALA A 44 -11.72 -0.91 -23.48
N GLU A 45 -10.78 -1.13 -22.57
CA GLU A 45 -9.73 -0.16 -22.21
C GLU A 45 -8.55 -0.11 -23.20
N VAL A 46 -8.18 -1.27 -23.73
CA VAL A 46 -7.14 -1.38 -24.74
C VAL A 46 -7.63 -0.57 -25.95
N ALA A 47 -8.90 -0.71 -26.28
CA ALA A 47 -9.49 0.00 -27.41
C ALA A 47 -9.49 1.52 -27.18
N SER A 48 -9.66 1.98 -25.93
CA SER A 48 -9.82 3.42 -25.76
C SER A 48 -8.51 4.13 -25.48
N ARG A 49 -7.41 3.40 -25.49
CA ARG A 49 -6.19 4.09 -25.12
C ARG A 49 -5.42 4.61 -26.33
N ASP A 50 -5.02 5.88 -26.21
CA ASP A 50 -4.21 6.54 -27.24
C ASP A 50 -2.82 5.90 -27.30
N PRO A 51 -2.43 5.41 -28.47
CA PRO A 51 -1.19 4.63 -28.63
C PRO A 51 0.05 5.44 -28.30
N LYS A 52 0.06 6.70 -28.73
CA LYS A 52 1.19 7.59 -28.52
C LYS A 52 1.36 7.91 -27.02
N LEU A 53 0.29 8.40 -26.41
CA LEU A 53 0.28 8.75 -25.01
C LEU A 53 0.49 7.57 -24.07
N TYR A 54 0.02 6.41 -24.47
CA TYR A 54 0.23 5.19 -23.69
C TYR A 54 1.70 4.80 -23.75
N ALA A 55 2.32 5.10 -24.88
CA ALA A 55 3.73 4.78 -25.10
C ALA A 55 4.67 5.69 -24.35
N MET A 56 4.32 6.96 -24.28
CA MET A 56 5.16 7.90 -23.57
C MET A 56 4.82 8.18 -22.10
N HIS A 57 3.64 7.73 -21.66
CA HIS A 57 3.17 7.80 -20.26
C HIS A 57 3.64 9.06 -19.52
N PRO A 58 3.19 10.24 -19.98
CA PRO A 58 3.61 11.45 -19.26
C PRO A 58 3.09 11.41 -17.83
N TRP A 59 3.95 11.83 -16.90
CA TRP A 59 3.62 11.79 -15.48
C TRP A 59 3.26 13.25 -15.14
N VAL A 60 1.97 13.48 -14.89
CA VAL A 60 1.47 14.83 -14.75
C VAL A 60 0.52 14.96 -13.55
N THR A 61 0.06 16.18 -13.25
CA THR A 61 -0.87 16.42 -12.16
C THR A 61 -1.74 17.67 -12.43
N SER A 62 -3.00 17.68 -12.04
CA SER A 62 -3.78 18.89 -12.27
C SER A 62 -3.66 19.86 -11.10
N LYS A 63 -3.05 19.44 -10.00
CA LYS A 63 -2.92 20.30 -8.84
C LYS A 63 -2.03 21.53 -9.09
N PRO A 64 -2.32 22.64 -8.41
CA PRO A 64 -1.58 23.90 -8.52
C PRO A 64 -0.22 23.85 -7.83
N LEU A 65 0.80 24.46 -8.43
CA LEU A 65 2.11 24.56 -7.80
C LEU A 65 2.06 25.23 -6.42
N PRO A 66 2.62 24.55 -5.41
CA PRO A 66 2.69 24.95 -3.99
C PRO A 66 3.44 26.27 -3.81
N GLU A 67 3.20 26.99 -2.71
CA GLU A 67 3.90 28.26 -2.52
C GLU A 67 5.42 28.03 -2.41
N TYR A 68 5.84 26.94 -1.76
CA TYR A 68 7.28 26.71 -1.59
C TYR A 68 8.02 26.46 -2.92
N LEU A 69 7.29 26.00 -3.94
CA LEU A 69 7.92 25.80 -5.25
C LEU A 69 7.76 27.02 -6.19
N TRP A 70 6.90 27.98 -5.81
CA TRP A 70 6.73 29.19 -6.58
C TRP A 70 7.90 30.11 -6.23
N LYS A 71 8.28 30.06 -4.95
CA LYS A 71 9.36 30.88 -4.42
C LYS A 71 10.72 30.52 -5.03
N LYS A 72 10.79 29.35 -5.66
CA LYS A 72 12.01 28.89 -6.32
C LYS A 72 12.06 29.41 -7.75
N ILE A 73 10.93 29.92 -8.24
CA ILE A 73 10.98 30.73 -9.45
C ILE A 73 10.76 32.21 -9.14
N ALA A 74 11.82 33.02 -9.12
CA ALA A 74 11.58 34.44 -8.82
C ALA A 74 11.40 35.36 -10.05
N ASN A 75 11.79 34.91 -11.24
CA ASN A 75 11.62 35.71 -12.45
C ASN A 75 10.46 35.23 -13.34
N ASN A 76 9.69 34.26 -12.85
CA ASN A 76 8.68 33.62 -13.68
C ASN A 76 9.34 32.97 -14.90
N CYS A 77 10.54 32.43 -14.68
CA CYS A 77 11.34 31.77 -15.70
C CYS A 77 11.99 30.48 -15.16
N ILE A 78 11.73 29.39 -15.86
CA ILE A 78 12.30 28.09 -15.52
C ILE A 78 13.33 27.76 -16.62
N PHE A 79 14.44 27.12 -16.23
CA PHE A 79 15.53 26.82 -17.18
C PHE A 79 15.66 25.36 -17.51
N ILE A 80 15.57 25.09 -18.81
CA ILE A 80 15.65 23.74 -19.33
C ILE A 80 16.88 23.55 -20.19
N VAL A 81 17.72 22.61 -19.79
CA VAL A 81 18.93 22.31 -20.51
C VAL A 81 18.67 21.20 -21.50
N ILE A 82 18.67 21.52 -22.78
CA ILE A 82 18.43 20.51 -23.78
C ILE A 82 19.74 19.93 -24.30
N HIS A 83 19.75 18.63 -24.60
CA HIS A 83 20.97 17.97 -25.06
C HIS A 83 20.64 17.27 -26.37
N ARG A 84 21.47 17.55 -27.36
CA ARG A 84 21.46 16.84 -28.61
C ARG A 84 22.87 16.79 -29.18
N SER A 85 23.18 15.70 -29.86
CA SER A 85 24.36 15.62 -30.70
C SER A 85 25.62 16.15 -30.02
N THR A 86 25.75 15.88 -28.73
CA THR A 86 26.97 16.22 -28.00
C THR A 86 27.07 17.72 -27.72
N THR A 87 26.00 18.44 -28.04
CA THR A 87 25.94 19.88 -27.79
C THR A 87 24.75 20.19 -26.89
N SER A 88 24.96 20.98 -25.84
CA SER A 88 23.89 21.20 -24.86
C SER A 88 23.62 22.71 -24.82
N GLN A 89 22.35 23.10 -24.69
CA GLN A 89 22.00 24.53 -24.68
C GLN A 89 20.91 24.85 -23.63
N THR A 90 21.13 25.81 -22.74
CA THR A 90 20.08 26.18 -21.80
C THR A 90 19.02 27.03 -22.53
N ILE A 91 17.79 27.06 -22.03
CA ILE A 91 16.70 27.80 -22.67
C ILE A 91 15.74 28.38 -21.60
N LYS A 92 15.20 29.57 -21.84
CA LYS A 92 14.30 30.23 -20.90
C LYS A 92 12.85 29.87 -21.22
N VAL A 93 12.18 29.23 -20.27
CA VAL A 93 10.81 28.78 -20.50
C VAL A 93 9.82 29.33 -19.47
N SER A 94 8.62 29.68 -19.93
CA SER A 94 7.54 30.07 -19.02
C SER A 94 6.79 28.93 -18.37
N PRO A 95 6.44 29.08 -17.08
CA PRO A 95 5.77 27.98 -16.39
C PRO A 95 4.47 27.52 -17.06
N ASP A 96 3.87 28.34 -17.92
CA ASP A 96 2.62 27.94 -18.56
C ASP A 96 2.74 27.34 -19.97
N ASP A 97 3.96 27.32 -20.48
CA ASP A 97 4.29 26.83 -21.82
C ASP A 97 4.20 25.31 -21.92
N THR A 98 3.54 24.87 -22.99
CA THR A 98 3.42 23.45 -23.22
C THR A 98 4.74 22.93 -23.85
N PRO A 99 4.98 21.60 -23.80
CA PRO A 99 6.15 20.94 -24.41
C PRO A 99 6.26 21.23 -25.91
N GLY A 100 5.13 21.20 -26.61
CA GLY A 100 5.09 21.47 -28.04
C GLY A 100 5.49 22.91 -28.33
N ALA A 101 5.11 23.82 -27.46
CA ALA A 101 5.46 25.22 -27.62
C ALA A 101 6.92 25.52 -27.31
N ILE A 102 7.50 24.85 -26.33
CA ILE A 102 8.92 25.09 -26.03
C ILE A 102 9.76 24.44 -27.14
N LEU A 103 9.34 23.30 -27.69
CA LEU A 103 10.02 22.72 -28.85
C LEU A 103 9.93 23.65 -30.05
N GLN A 104 8.93 24.53 -30.04
CA GLN A 104 8.72 25.47 -31.13
C GLN A 104 9.73 26.60 -30.99
N SER A 105 9.94 27.04 -29.76
CA SER A 105 10.85 28.15 -29.49
C SER A 105 12.28 27.63 -29.43
N PHE A 106 12.44 26.34 -29.69
CA PHE A 106 13.77 25.77 -29.83
C PHE A 106 14.27 25.86 -31.27
N PHE A 107 13.58 25.22 -32.21
CA PHE A 107 13.96 25.31 -33.62
C PHE A 107 14.02 26.75 -34.19
N THR A 108 13.25 27.63 -33.55
CA THR A 108 13.28 29.07 -33.79
C THR A 108 14.64 29.65 -33.43
N LYS A 109 15.06 29.38 -32.21
CA LYS A 109 16.34 29.89 -31.73
C LYS A 109 17.52 29.17 -32.40
N MET A 110 17.55 29.25 -33.74
CA MET A 110 18.63 28.72 -34.57
C MET A 110 18.98 29.67 -35.73
N ALA A 111 17.97 30.04 -36.52
CA ALA A 111 18.13 30.97 -37.65
C ALA A 111 19.25 30.58 -38.62
N GLU A 125 10.76 16.87 -39.71
CA GLU A 125 11.58 17.62 -38.76
C GLU A 125 10.79 17.90 -37.48
N GLN A 126 9.48 18.13 -37.60
CA GLN A 126 8.63 18.40 -36.43
C GLN A 126 8.03 17.11 -35.82
N ASP A 127 8.91 16.19 -35.40
CA ASP A 127 8.52 14.88 -34.90
C ASP A 127 9.35 14.41 -33.67
N PHE A 128 10.20 15.28 -33.15
CA PHE A 128 11.01 15.07 -31.93
C PHE A 128 10.29 15.19 -30.55
N VAL A 129 10.71 14.38 -29.58
CA VAL A 129 10.10 14.51 -28.27
C VAL A 129 11.16 14.82 -27.19
N LEU A 130 10.75 15.42 -26.08
CA LEU A 130 11.65 15.78 -24.99
C LEU A 130 11.69 14.63 -24.00
N ARG A 131 12.84 14.01 -23.79
CA ARG A 131 12.95 12.94 -22.79
C ARG A 131 13.89 13.37 -21.65
N VAL A 132 13.65 12.94 -20.41
CA VAL A 132 14.57 13.30 -19.35
C VAL A 132 15.87 12.50 -19.48
N CYS A 133 17.03 13.12 -19.24
CA CYS A 133 18.29 12.42 -19.45
C CYS A 133 18.48 11.35 -18.42
N GLY A 134 18.67 10.13 -18.89
CA GLY A 134 18.98 9.01 -18.04
C GLY A 134 17.75 8.27 -17.54
N ARG A 135 16.57 8.76 -17.90
CA ARG A 135 15.34 8.14 -17.42
C ARG A 135 14.39 7.91 -18.56
N ASP A 136 13.46 7.01 -18.29
CA ASP A 136 12.37 6.68 -19.16
C ASP A 136 11.21 7.62 -18.83
N GLU A 137 11.48 8.91 -18.71
CA GLU A 137 10.42 9.88 -18.59
C GLU A 137 10.23 10.73 -19.87
N TYR A 138 9.04 11.24 -20.13
CA TYR A 138 8.84 12.14 -21.29
C TYR A 138 8.00 13.33 -20.89
N LEU A 139 8.31 14.46 -21.51
CA LEU A 139 7.46 15.64 -21.43
C LEU A 139 6.67 15.84 -22.72
N VAL A 140 5.38 15.54 -22.69
CA VAL A 140 4.56 15.61 -23.91
C VAL A 140 3.04 15.74 -23.60
N GLY A 141 2.25 16.19 -24.57
CA GLY A 141 0.81 16.42 -24.43
C GLY A 141 0.55 17.87 -24.13
N GLU A 142 -0.71 18.31 -24.13
CA GLU A 142 -0.94 19.70 -23.82
C GLU A 142 -1.13 19.76 -22.33
N THR A 143 -0.07 20.18 -21.67
CA THR A 143 0.01 20.39 -20.23
C THR A 143 1.05 21.48 -20.03
N PRO A 144 0.87 22.36 -19.04
CA PRO A 144 1.94 23.31 -18.67
C PRO A 144 3.17 22.60 -18.10
N ILE A 145 4.39 22.95 -18.52
CA ILE A 145 5.58 22.26 -18.01
C ILE A 145 5.58 22.21 -16.48
N LYS A 146 5.04 23.24 -15.82
CA LYS A 146 5.05 23.25 -14.37
C LYS A 146 4.20 22.09 -13.80
N ASN A 147 3.31 21.50 -14.62
CA ASN A 147 2.45 20.41 -14.14
C ASN A 147 3.07 19.04 -14.33
N PHE A 148 4.32 19.00 -14.74
CA PHE A 148 5.04 17.74 -14.84
C PHE A 148 5.77 17.43 -13.54
N GLN A 149 5.59 16.19 -13.08
CA GLN A 149 6.12 15.71 -11.80
C GLN A 149 7.60 15.86 -11.75
N TRP A 150 8.25 15.40 -12.82
CA TRP A 150 9.71 15.43 -12.86
C TRP A 150 10.18 16.87 -12.64
N VAL A 151 9.52 17.82 -13.28
CA VAL A 151 9.87 19.24 -13.10
C VAL A 151 9.73 19.65 -11.65
N ARG A 152 8.56 19.36 -11.06
CA ARG A 152 8.35 19.66 -9.65
C ARG A 152 9.34 18.99 -8.72
N HIS A 153 9.78 17.79 -9.10
CA HIS A 153 10.76 17.08 -8.30
C HIS A 153 12.09 17.87 -8.35
N CYS A 154 12.46 18.35 -9.54
CA CYS A 154 13.68 19.14 -9.71
C CYS A 154 13.59 20.43 -8.91
N LEU A 155 12.52 21.22 -9.09
CA LEU A 155 12.41 22.46 -8.32
C LEU A 155 12.55 22.21 -6.81
N LYS A 156 12.03 21.08 -6.31
CA LYS A 156 12.09 20.86 -4.88
C LYS A 156 13.49 20.58 -4.37
N ASN A 157 14.28 19.80 -5.10
CA ASN A 157 15.62 19.44 -4.64
C ASN A 157 16.73 20.35 -5.17
N GLY A 158 16.31 21.37 -5.92
CA GLY A 158 17.22 22.32 -6.55
C GLY A 158 18.05 21.69 -7.62
N GLU A 159 17.40 20.91 -8.48
CA GLU A 159 18.09 20.15 -9.49
C GLU A 159 17.80 20.87 -10.79
N GLU A 160 18.79 20.90 -11.66
CA GLU A 160 18.60 21.48 -12.97
C GLU A 160 17.87 20.48 -13.85
N ILE A 161 16.98 21.00 -14.68
CA ILE A 161 16.17 20.13 -15.51
C ILE A 161 16.88 19.87 -16.82
N HIS A 162 17.34 18.64 -16.97
CA HIS A 162 18.10 18.23 -18.13
C HIS A 162 17.25 17.29 -18.98
N VAL A 163 17.21 17.61 -20.26
CA VAL A 163 16.40 16.90 -21.23
C VAL A 163 17.11 16.73 -22.55
N VAL A 164 17.06 15.50 -23.04
CA VAL A 164 17.60 15.14 -24.33
C VAL A 164 16.53 15.06 -25.42
N LEU A 165 16.88 15.46 -26.64
CA LEU A 165 15.97 15.45 -27.76
C LEU A 165 16.03 14.15 -28.57
N ASP A 166 14.98 13.33 -28.52
CA ASP A 166 15.00 12.09 -29.31
C ASP A 166 13.66 11.69 -29.92
N THR A 167 13.67 10.51 -30.53
CA THR A 167 12.55 10.00 -31.31
C THR A 167 11.53 9.40 -30.33
N PRO A 168 10.25 9.71 -30.53
CA PRO A 168 9.16 9.08 -29.78
C PRO A 168 9.16 7.56 -29.92
N PRO A 169 8.84 6.86 -28.81
CA PRO A 169 8.85 5.40 -28.86
C PRO A 169 7.69 4.90 -29.72
N ASP A 170 7.94 3.85 -30.48
CA ASP A 170 7.03 3.31 -31.46
C ASP A 170 5.84 2.57 -30.81
N PRO A 171 4.61 3.10 -31.00
CA PRO A 171 3.37 2.48 -30.48
C PRO A 171 3.16 1.06 -30.97
N ALA A 172 3.85 0.67 -32.04
CA ALA A 172 3.79 -0.70 -32.55
C ALA A 172 4.28 -1.72 -31.53
N LEU A 173 5.24 -1.30 -30.70
CA LEU A 173 5.84 -2.14 -29.67
C LEU A 173 4.82 -2.49 -28.56
N ASP A 174 3.76 -1.72 -28.42
CA ASP A 174 2.76 -1.96 -27.37
C ASP A 174 1.62 -2.90 -27.82
N GLU A 175 1.73 -3.46 -29.02
CA GLU A 175 0.69 -4.29 -29.61
C GLU A 175 0.24 -5.45 -28.69
N VAL A 176 -1.07 -5.72 -28.71
CA VAL A 176 -1.67 -6.80 -27.93
C VAL A 176 -2.15 -8.00 -28.76
N ARG A 177 -1.69 -9.23 -28.49
CA ARG A 177 -2.27 -10.40 -29.22
C ARG A 177 -3.80 -10.49 -29.09
N LYS A 178 -4.47 -10.83 -30.19
CA LYS A 178 -5.92 -10.99 -30.24
C LYS A 178 -6.47 -12.13 -29.34
N GLU A 179 -7.69 -11.96 -28.81
CA GLU A 179 -8.31 -12.98 -27.95
C GLU A 179 -8.85 -14.16 -28.76
N GLU A 180 -8.76 -15.35 -28.18
CA GLU A 180 -9.29 -16.57 -28.81
C GLU A 180 -10.60 -17.01 -28.15
N CYS A 215 -38.55 -19.06 -1.16
CA CYS A 215 -38.60 -20.05 -0.09
C CYS A 215 -38.76 -19.36 1.27
N ASP A 216 -39.76 -19.78 2.04
CA ASP A 216 -40.02 -19.13 3.33
C ASP A 216 -39.45 -19.93 4.52
N ARG A 217 -38.83 -21.05 4.20
CA ARG A 217 -38.10 -21.94 5.12
C ARG A 217 -36.92 -21.25 5.87
N LYS A 218 -36.74 -21.59 7.14
CA LYS A 218 -35.55 -21.13 7.89
C LYS A 218 -34.29 -21.85 7.42
N PHE A 219 -33.26 -21.07 7.14
CA PHE A 219 -32.00 -21.59 6.66
C PHE A 219 -31.45 -22.58 7.69
N ARG A 220 -30.80 -23.63 7.23
CA ARG A 220 -30.14 -24.56 8.15
C ARG A 220 -28.96 -25.31 7.53
N VAL A 221 -28.02 -25.73 8.38
CA VAL A 221 -26.82 -26.41 7.90
C VAL A 221 -26.53 -27.56 8.85
N LYS A 222 -26.27 -28.74 8.30
CA LYS A 222 -25.95 -29.88 9.15
C LYS A 222 -24.43 -29.90 9.30
N ILE A 223 -23.96 -29.93 10.54
CA ILE A 223 -22.54 -30.11 10.81
C ILE A 223 -22.33 -31.60 11.00
N ARG A 224 -21.66 -32.22 10.04
CA ARG A 224 -21.41 -33.64 10.11
C ARG A 224 -20.29 -33.92 11.13
N GLY A 225 -19.20 -33.17 11.02
CA GLY A 225 -18.07 -33.31 11.92
C GLY A 225 -16.79 -32.67 11.43
N ILE A 226 -15.70 -32.90 12.15
CA ILE A 226 -14.41 -32.30 11.83
C ILE A 226 -13.38 -33.40 11.90
N ASP A 227 -12.44 -33.37 10.96
CA ASP A 227 -11.35 -34.31 10.89
C ASP A 227 -9.96 -33.70 10.68
N ILE A 228 -9.06 -33.91 11.65
CA ILE A 228 -7.63 -33.66 11.49
C ILE A 228 -6.78 -34.96 11.53
N PRO A 229 -5.92 -35.18 10.52
CA PRO A 229 -5.06 -36.37 10.33
C PRO A 229 -4.32 -36.71 11.61
N VAL A 230 -3.84 -35.72 12.32
CA VAL A 230 -3.08 -36.05 13.52
C VAL A 230 -3.18 -35.04 14.63
N LEU A 231 -3.04 -35.56 15.83
CA LEU A 231 -2.98 -34.72 16.96
C LEU A 231 -2.07 -35.28 18.03
N PRO A 232 -1.49 -34.41 18.87
CA PRO A 232 -0.64 -34.95 19.94
C PRO A 232 -1.46 -35.73 20.96
N ARG A 233 -0.81 -36.41 21.90
CA ARG A 233 -1.60 -36.95 22.98
C ARG A 233 -1.35 -36.50 24.42
N ASN A 234 -2.21 -35.58 24.85
CA ASN A 234 -2.91 -34.63 23.96
C ASN A 234 -2.55 -33.07 24.22
N THR A 235 -2.86 -32.47 25.39
CA THR A 235 -3.55 -33.13 26.45
C THR A 235 -5.04 -32.95 26.23
N ASP A 236 -5.84 -33.61 27.04
CA ASP A 236 -7.27 -33.55 26.85
C ASP A 236 -7.88 -32.16 26.98
N LEU A 237 -8.60 -31.76 25.94
CA LEU A 237 -9.26 -30.46 25.92
C LEU A 237 -10.63 -30.67 25.24
N THR A 238 -11.36 -29.58 25.08
CA THR A 238 -12.71 -29.63 24.55
C THR A 238 -12.91 -28.73 23.32
N VAL A 239 -13.71 -29.22 22.40
CA VAL A 239 -13.94 -28.58 21.10
C VAL A 239 -15.40 -28.50 20.62
N PHE A 240 -15.87 -27.29 20.39
CA PHE A 240 -17.16 -27.07 19.73
C PHE A 240 -17.09 -26.19 18.45
N VAL A 241 -18.15 -26.26 17.65
CA VAL A 241 -18.21 -25.58 16.36
C VAL A 241 -19.28 -24.49 16.41
N GLU A 242 -18.88 -23.30 15.98
CA GLU A 242 -19.69 -22.10 15.94
C GLU A 242 -20.01 -21.67 14.51
N ALA A 243 -21.27 -21.77 14.08
CA ALA A 243 -21.66 -21.36 12.74
C ALA A 243 -22.26 -19.94 12.72
N ASN A 244 -21.66 -19.01 11.99
CA ASN A 244 -22.19 -17.64 11.88
C ASN A 244 -22.63 -17.32 10.47
N ILE A 245 -23.73 -16.56 10.35
CA ILE A 245 -24.08 -15.93 9.08
C ILE A 245 -23.54 -14.49 9.14
N GLN A 246 -22.57 -14.15 8.28
CA GLN A 246 -21.90 -12.83 8.34
C GLN A 246 -22.15 -12.05 7.07
N HIS A 247 -22.46 -10.78 7.23
CA HIS A 247 -22.53 -9.84 6.12
C HIS A 247 -21.81 -8.59 6.61
N GLY A 248 -20.67 -8.25 6.00
CA GLY A 248 -19.90 -7.09 6.39
C GLY A 248 -19.47 -7.07 7.84
N GLN A 249 -19.05 -8.24 8.33
CA GLN A 249 -18.62 -8.44 9.72
C GLN A 249 -19.72 -8.25 10.78
N GLN A 250 -20.89 -7.80 10.36
CA GLN A 250 -22.10 -7.81 11.17
C GLN A 250 -22.59 -9.28 11.20
N VAL A 251 -22.84 -9.82 12.40
CA VAL A 251 -23.41 -11.15 12.48
C VAL A 251 -24.94 -11.14 12.49
N LEU A 252 -25.51 -11.75 11.47
CA LEU A 252 -26.95 -11.83 11.28
C LEU A 252 -27.52 -12.93 12.19
N CYS A 253 -26.90 -14.11 12.17
CA CYS A 253 -27.40 -15.16 13.03
C CYS A 253 -26.24 -16.05 13.53
N GLN A 254 -26.43 -16.74 14.64
CA GLN A 254 -25.37 -17.57 15.22
C GLN A 254 -25.92 -18.86 15.86
N ARG A 255 -25.23 -19.97 15.63
CA ARG A 255 -25.58 -21.25 16.23
C ARG A 255 -24.33 -22.01 16.61
N ARG A 256 -24.33 -22.66 17.78
CA ARG A 256 -23.18 -23.49 18.11
C ARG A 256 -23.54 -24.97 18.28
N THR A 257 -22.54 -25.78 18.55
CA THR A 257 -22.76 -27.21 18.75
C THR A 257 -22.41 -27.45 20.19
N SER A 258 -22.63 -28.67 20.63
CA SER A 258 -22.31 -29.11 21.99
C SER A 258 -20.82 -29.39 22.07
N PRO A 259 -20.15 -28.93 23.13
CA PRO A 259 -18.71 -29.19 23.11
C PRO A 259 -18.44 -30.70 23.19
N LYS A 260 -17.26 -31.17 22.75
CA LYS A 260 -16.92 -32.59 22.90
C LYS A 260 -15.42 -32.76 23.14
N PRO A 261 -14.97 -33.99 23.44
CA PRO A 261 -13.52 -34.17 23.58
C PRO A 261 -12.85 -34.01 22.22
N PHE A 262 -11.71 -33.33 22.19
CA PHE A 262 -10.97 -33.10 20.95
C PHE A 262 -10.20 -34.38 20.60
N THR A 263 -10.53 -34.98 19.45
CA THR A 263 -9.90 -36.21 18.93
C THR A 263 -9.74 -36.06 17.42
N GLU A 264 -8.99 -36.95 16.75
CA GLU A 264 -8.72 -36.81 15.31
C GLU A 264 -9.99 -36.74 14.46
N GLU A 265 -11.07 -37.24 15.00
CA GLU A 265 -12.32 -37.10 14.30
C GLU A 265 -13.35 -36.84 15.37
N VAL A 266 -14.21 -35.86 15.12
CA VAL A 266 -15.25 -35.51 16.09
C VAL A 266 -16.54 -35.35 15.30
N LEU A 267 -17.55 -36.12 15.70
CA LEU A 267 -18.82 -36.15 14.99
C LEU A 267 -19.99 -35.57 15.78
N TRP A 268 -20.90 -34.92 15.07
CA TRP A 268 -22.07 -34.28 15.68
C TRP A 268 -23.25 -34.82 14.89
N ASN A 269 -23.22 -34.55 13.59
CA ASN A 269 -24.22 -34.94 12.60
C ASN A 269 -25.58 -34.27 12.92
N VAL A 270 -25.50 -33.06 13.46
CA VAL A 270 -26.63 -32.26 13.95
C VAL A 270 -27.01 -31.13 13.00
N TRP A 271 -28.31 -30.93 12.77
CA TRP A 271 -28.77 -29.75 12.01
C TRP A 271 -28.80 -28.50 12.86
N LEU A 272 -28.08 -27.46 12.44
CA LEU A 272 -28.24 -26.16 13.08
C LEU A 272 -29.25 -25.30 12.28
N GLU A 273 -30.43 -25.07 12.85
CA GLU A 273 -31.52 -24.28 12.26
C GLU A 273 -31.33 -22.81 12.68
N PHE A 274 -31.24 -21.92 11.71
CA PHE A 274 -31.10 -20.51 12.03
C PHE A 274 -32.50 -19.87 12.08
N SER A 275 -32.59 -18.61 12.49
CA SER A 275 -33.87 -17.92 12.55
C SER A 275 -34.19 -17.38 11.16
N ILE A 276 -33.18 -16.83 10.51
CA ILE A 276 -33.32 -16.13 9.23
C ILE A 276 -33.83 -17.04 8.09
N LYS A 277 -34.71 -16.50 7.25
CA LYS A 277 -35.27 -17.23 6.11
C LYS A 277 -34.39 -17.28 4.84
N ILE A 278 -34.46 -18.38 4.10
CA ILE A 278 -33.68 -18.56 2.86
C ILE A 278 -33.78 -17.34 1.91
N LYS A 279 -34.98 -16.79 1.81
CA LYS A 279 -35.27 -15.68 0.90
C LYS A 279 -34.64 -14.40 1.41
N ASP A 280 -34.37 -14.39 2.71
CA ASP A 280 -33.83 -13.22 3.38
C ASP A 280 -32.28 -13.13 3.32
N LEU A 281 -31.61 -14.17 2.82
CA LEU A 281 -30.17 -14.17 2.69
C LEU A 281 -29.73 -13.13 1.64
N PRO A 282 -28.86 -12.17 2.05
CA PRO A 282 -28.35 -11.17 1.10
C PRO A 282 -27.22 -11.75 0.27
N LYS A 283 -27.04 -11.23 -0.93
CA LYS A 283 -25.94 -11.70 -1.76
C LYS A 283 -24.65 -11.26 -1.04
N GLY A 284 -23.63 -12.11 -1.10
CA GLY A 284 -22.35 -11.89 -0.45
C GLY A 284 -22.31 -12.16 1.05
N ALA A 285 -23.28 -12.93 1.53
CA ALA A 285 -23.32 -13.34 2.92
C ALA A 285 -22.48 -14.60 3.09
N LEU A 286 -21.63 -14.60 4.11
CA LEU A 286 -20.76 -15.72 4.40
C LEU A 286 -21.27 -16.66 5.48
N LEU A 287 -21.17 -17.96 5.25
CA LEU A 287 -21.35 -18.87 6.35
C LEU A 287 -19.97 -19.08 6.97
N ASN A 288 -19.77 -18.55 8.16
CA ASN A 288 -18.47 -18.60 8.86
C ASN A 288 -18.48 -19.71 9.90
N LEU A 289 -17.57 -20.67 9.73
CA LEU A 289 -17.44 -21.85 10.55
C LEU A 289 -16.14 -21.81 11.35
N GLN A 290 -16.27 -21.82 12.67
CA GLN A 290 -15.16 -21.71 13.57
C GLN A 290 -15.15 -22.79 14.63
N ILE A 291 -13.94 -23.24 14.98
CA ILE A 291 -13.81 -24.29 15.99
C ILE A 291 -13.12 -23.68 17.23
N TYR A 292 -13.67 -23.93 18.41
CA TYR A 292 -13.10 -23.31 19.60
C TYR A 292 -12.66 -24.45 20.49
N CYS A 293 -11.75 -24.11 21.39
CA CYS A 293 -11.23 -25.05 22.38
C CYS A 293 -11.30 -24.46 23.78
N LEU A 318 -10.33 -20.10 20.12
CA LEU A 318 -10.44 -20.17 18.65
C LEU A 318 -9.23 -20.77 17.93
N LEU A 319 -9.43 -21.97 17.40
CA LEU A 319 -8.42 -22.77 16.71
C LEU A 319 -8.41 -22.62 15.18
N TYR A 320 -9.54 -22.98 14.57
CA TYR A 320 -9.68 -22.95 13.12
C TYR A 320 -10.86 -22.14 12.64
N TYR A 321 -10.75 -21.63 11.41
CA TYR A 321 -11.88 -20.96 10.78
C TYR A 321 -11.90 -21.28 9.29
N VAL A 322 -13.08 -21.24 8.71
CA VAL A 322 -13.26 -21.31 7.27
C VAL A 322 -14.56 -20.58 6.90
N ASN A 323 -14.60 -20.07 5.67
CA ASN A 323 -15.74 -19.32 5.19
C ASN A 323 -16.34 -19.96 3.95
N LEU A 324 -17.65 -19.85 3.77
CA LEU A 324 -18.28 -20.35 2.56
C LEU A 324 -19.36 -19.35 2.09
N LEU A 325 -19.20 -18.82 0.88
CA LEU A 325 -20.21 -17.95 0.27
C LEU A 325 -21.54 -18.67 0.08
N LEU A 326 -22.63 -18.11 0.62
CA LEU A 326 -23.93 -18.78 0.61
C LEU A 326 -24.67 -18.63 -0.72
N ILE A 327 -24.46 -17.48 -1.37
CA ILE A 327 -24.98 -17.21 -2.69
C ILE A 327 -23.78 -17.09 -3.64
N ASP A 328 -23.71 -17.91 -4.69
CA ASP A 328 -22.54 -17.95 -5.56
C ASP A 328 -22.53 -16.81 -6.59
N HIS A 329 -21.58 -16.83 -7.56
CA HIS A 329 -21.37 -15.71 -8.50
C HIS A 329 -22.46 -15.59 -9.56
N ARG A 330 -23.29 -16.62 -9.69
CA ARG A 330 -24.48 -16.62 -10.56
C ARG A 330 -25.80 -16.33 -9.87
N PHE A 331 -25.74 -15.91 -8.61
CA PHE A 331 -26.93 -15.68 -7.77
C PHE A 331 -27.65 -16.96 -7.37
N LEU A 332 -26.91 -18.08 -7.38
CA LEU A 332 -27.51 -19.34 -6.98
C LEU A 332 -27.24 -19.66 -5.51
N LEU A 333 -28.25 -20.17 -4.84
CA LEU A 333 -28.02 -20.64 -3.49
C LEU A 333 -27.15 -21.87 -3.53
N ARG A 334 -26.27 -21.94 -2.57
CA ARG A 334 -25.29 -23.00 -2.47
C ARG A 334 -26.01 -24.23 -1.91
N ARG A 335 -25.69 -25.39 -2.47
CA ARG A 335 -26.29 -26.61 -1.99
C ARG A 335 -25.37 -27.82 -2.09
N GLY A 336 -25.70 -28.88 -1.35
CA GLY A 336 -24.87 -30.08 -1.38
C GLY A 336 -23.94 -30.29 -0.18
N GLU A 337 -23.04 -31.24 -0.35
CA GLU A 337 -22.08 -31.61 0.69
C GLU A 337 -20.83 -30.78 0.47
N TYR A 338 -20.24 -30.32 1.56
CA TYR A 338 -19.00 -29.56 1.48
C TYR A 338 -18.03 -30.09 2.54
N VAL A 339 -16.83 -30.42 2.07
CA VAL A 339 -15.70 -30.69 2.93
C VAL A 339 -14.72 -29.52 2.81
N LEU A 340 -14.63 -28.71 3.84
CA LEU A 340 -13.87 -27.46 3.78
C LEU A 340 -12.62 -27.61 4.60
N HIS A 341 -11.47 -27.37 3.96
CA HIS A 341 -10.22 -27.41 4.68
C HIS A 341 -9.94 -26.04 5.29
N MET A 342 -9.80 -26.00 6.61
CA MET A 342 -9.84 -24.69 7.29
C MET A 342 -8.47 -24.12 7.60
N TRP A 343 -8.47 -22.90 8.11
CA TRP A 343 -7.21 -22.22 8.36
C TRP A 343 -7.01 -22.30 9.84
N GLN A 344 -5.75 -22.39 10.26
CA GLN A 344 -5.43 -22.50 11.68
C GLN A 344 -5.02 -21.12 12.13
N ILE A 345 -5.37 -20.78 13.38
CA ILE A 345 -4.97 -19.51 13.97
C ILE A 345 -3.55 -19.61 14.49
N SER A 346 -2.80 -18.52 14.29
CA SER A 346 -1.41 -18.41 14.71
C SER A 346 -1.24 -18.03 16.17
N GLY A 347 -0.41 -18.80 16.87
CA GLY A 347 -0.14 -18.54 18.27
C GLY A 347 1.06 -17.62 18.43
N PHE A 355 -11.22 -9.39 12.46
CA PHE A 355 -9.95 -9.20 13.15
C PHE A 355 -8.83 -8.81 12.16
N ASN A 356 -8.84 -9.45 10.99
CA ASN A 356 -7.76 -9.36 9.99
C ASN A 356 -8.37 -9.87 8.70
N ALA A 357 -8.00 -9.26 7.58
CA ALA A 357 -8.66 -9.53 6.32
C ALA A 357 -8.55 -10.99 5.87
N ASP A 358 -7.60 -11.74 6.43
CA ASP A 358 -7.49 -13.15 6.09
C ASP A 358 -8.67 -13.96 6.65
N LYS A 359 -9.30 -13.50 7.74
CA LYS A 359 -10.45 -14.25 8.28
C LYS A 359 -11.71 -14.12 7.44
N LEU A 360 -11.69 -13.21 6.46
CA LEU A 360 -12.85 -12.97 5.58
C LEU A 360 -12.88 -13.83 4.31
N THR A 361 -11.76 -14.50 4.02
CA THR A 361 -11.51 -15.12 2.72
C THR A 361 -12.45 -16.30 2.39
N SER A 362 -13.08 -16.30 1.23
CA SER A 362 -13.86 -17.45 0.79
C SER A 362 -12.99 -18.63 0.32
N ALA A 363 -11.68 -18.41 0.24
CA ALA A 363 -10.75 -19.48 -0.15
C ALA A 363 -10.60 -20.54 0.94
N THR A 364 -10.30 -21.76 0.52
CA THR A 364 -10.02 -22.83 1.46
C THR A 364 -8.52 -23.14 1.43
N ASN A 365 -8.04 -23.65 2.56
CA ASN A 365 -6.64 -23.98 2.73
C ASN A 365 -6.18 -24.95 1.66
N PRO A 366 -5.14 -24.59 0.91
CA PRO A 366 -4.59 -25.41 -0.18
C PRO A 366 -3.91 -26.67 0.36
N ASP A 367 -3.56 -26.75 1.64
CA ASP A 367 -2.86 -27.94 2.13
C ASP A 367 -3.96 -28.87 2.56
N LYS A 368 -4.22 -29.84 1.71
CA LYS A 368 -5.35 -30.69 1.90
C LYS A 368 -4.98 -31.93 2.74
N GLU A 369 -3.68 -32.23 2.86
CA GLU A 369 -3.24 -33.42 3.58
C GLU A 369 -3.14 -33.30 5.13
N ASN A 370 -2.62 -32.19 5.62
CA ASN A 370 -2.37 -31.90 7.04
C ASN A 370 -3.37 -31.00 7.76
N SER A 371 -4.37 -30.50 7.06
CA SER A 371 -5.20 -29.44 7.64
C SER A 371 -6.49 -30.00 8.23
N MET A 372 -6.93 -29.35 9.29
CA MET A 372 -8.24 -29.63 9.81
C MET A 372 -9.29 -29.37 8.71
N SER A 373 -10.27 -30.27 8.59
CA SER A 373 -11.34 -30.03 7.64
C SER A 373 -12.70 -30.16 8.34
N ILE A 374 -13.72 -29.51 7.78
CA ILE A 374 -15.05 -29.61 8.34
C ILE A 374 -15.99 -30.03 7.24
N SER A 375 -16.92 -30.90 7.62
CA SER A 375 -17.87 -31.46 6.69
C SER A 375 -19.27 -31.04 7.02
N ILE A 376 -19.93 -30.42 6.06
CA ILE A 376 -21.27 -29.90 6.28
C ILE A 376 -22.21 -30.31 5.15
N LEU A 377 -23.50 -30.16 5.38
CA LEU A 377 -24.49 -30.39 4.35
C LEU A 377 -25.49 -29.24 4.26
N LEU A 378 -25.71 -28.77 3.04
CA LEU A 378 -26.71 -27.75 2.69
C LEU A 378 -27.76 -28.28 1.71
N ASP A 379 -29.00 -28.45 2.16
CA ASP A 379 -30.12 -28.73 1.25
C ASP A 379 -31.29 -27.81 1.55
N ASN A 380 -31.65 -26.93 0.61
CA ASN A 380 -32.73 -25.96 0.85
C ASN A 380 -33.63 -25.63 -0.36
N HIS A 383 -34.89 -18.23 -5.23
CA HIS A 383 -33.80 -17.61 -5.98
C HIS A 383 -34.04 -16.12 -6.15
N PRO A 384 -32.96 -15.30 -6.13
CA PRO A 384 -33.46 -13.92 -6.17
C PRO A 384 -33.77 -13.32 -7.56
N ILE A 385 -34.06 -12.02 -7.52
CA ILE A 385 -34.35 -11.15 -8.66
C ILE A 385 -33.19 -10.27 -9.13
N ALA A 386 -32.98 -10.23 -10.45
CA ALA A 386 -33.85 -10.95 -11.38
C ALA A 386 -33.10 -11.83 -12.38
N ALA A 403 -41.48 14.10 4.66
CA ALA A 403 -41.59 14.64 6.02
C ALA A 403 -40.23 14.96 6.60
N GLU A 404 -40.19 16.06 7.34
CA GLU A 404 -38.95 16.76 7.54
C GLU A 404 -38.53 16.43 8.99
N MET A 405 -37.24 16.38 9.31
CA MET A 405 -36.86 15.98 10.67
C MET A 405 -37.17 17.10 11.67
N PRO A 406 -37.70 16.77 12.86
CA PRO A 406 -37.78 17.79 13.93
C PRO A 406 -36.34 18.28 14.29
N ASN A 407 -36.22 19.47 14.86
CA ASN A 407 -34.91 20.08 15.10
C ASN A 407 -34.08 19.20 16.09
N GLN A 408 -34.60 18.78 17.24
CA GLN A 408 -33.74 18.09 18.24
C GLN A 408 -33.25 16.73 17.73
N LEU A 409 -33.99 16.12 16.83
CA LEU A 409 -33.58 14.84 16.27
C LEU A 409 -32.54 15.14 15.22
N ARG A 410 -32.76 16.18 14.44
CA ARG A 410 -31.76 16.59 13.46
C ARG A 410 -30.41 16.82 14.12
N LYS A 411 -30.37 17.31 15.36
CA LYS A 411 -29.06 17.55 15.97
C LYS A 411 -28.40 16.26 16.41
N GLN A 412 -29.16 15.32 16.95
CA GLN A 412 -28.61 14.01 17.29
C GLN A 412 -28.06 13.32 16.05
N LEU A 413 -28.85 13.37 14.98
CA LEU A 413 -28.45 12.77 13.71
C LEU A 413 -27.13 13.38 13.25
N GLU A 414 -27.05 14.71 13.25
CA GLU A 414 -25.83 15.38 12.81
C GLU A 414 -24.63 15.07 13.72
N ALA A 415 -24.90 14.82 14.99
CA ALA A 415 -23.86 14.44 15.94
C ALA A 415 -23.28 13.08 15.58
N ILE A 416 -24.17 12.16 15.22
CA ILE A 416 -23.80 10.84 14.73
C ILE A 416 -22.88 10.93 13.52
N ILE A 417 -23.33 11.69 12.54
CA ILE A 417 -22.59 11.86 11.30
C ILE A 417 -21.21 12.52 11.52
N ALA A 418 -21.13 13.40 12.51
CA ALA A 418 -19.88 14.10 12.78
C ALA A 418 -18.78 13.22 13.36
N THR A 419 -19.16 12.15 14.04
CA THR A 419 -18.21 11.28 14.70
C THR A 419 -17.31 10.56 13.72
N ASP A 420 -16.20 10.01 14.20
CA ASP A 420 -15.23 9.35 13.34
C ASP A 420 -15.75 7.98 12.88
N PRO A 421 -15.10 7.43 11.89
CA PRO A 421 -15.55 6.25 11.19
C PRO A 421 -15.67 5.07 12.09
N LEU A 422 -14.76 4.98 13.02
CA LEU A 422 -14.70 3.80 13.85
C LEU A 422 -15.49 3.91 15.13
N ASN A 423 -16.19 5.01 15.34
CA ASN A 423 -17.08 5.11 16.48
C ASN A 423 -18.32 4.25 16.31
N PRO A 424 -18.62 3.44 17.29
CA PRO A 424 -19.66 2.41 17.09
C PRO A 424 -21.07 2.97 17.12
N LEU A 425 -21.97 2.36 16.37
CA LEU A 425 -23.35 2.82 16.31
C LEU A 425 -24.27 2.06 17.24
N THR A 426 -24.99 2.77 18.11
CA THR A 426 -25.96 2.02 18.92
C THR A 426 -27.14 1.65 18.08
N ALA A 427 -28.06 0.91 18.70
CA ALA A 427 -29.31 0.53 18.07
C ALA A 427 -30.21 1.74 17.80
N GLU A 428 -30.29 2.65 18.77
CA GLU A 428 -31.17 3.81 18.61
C GLU A 428 -30.54 4.67 17.49
N ASP A 429 -29.21 4.82 17.51
CA ASP A 429 -28.47 5.51 16.44
C ASP A 429 -28.82 4.97 15.05
N LYS A 430 -28.80 3.65 14.94
CA LYS A 430 -29.07 3.01 13.66
C LYS A 430 -30.52 3.25 13.21
N GLU A 431 -31.45 3.14 14.15
CA GLU A 431 -32.84 3.28 13.81
C GLU A 431 -33.11 4.72 13.37
N LEU A 432 -32.33 5.66 13.90
CA LEU A 432 -32.48 7.06 13.55
C LEU A 432 -32.04 7.19 12.07
N LEU A 433 -30.81 6.78 11.73
CA LEU A 433 -30.32 6.82 10.35
C LEU A 433 -31.29 6.14 9.38
N TRP A 434 -31.80 4.98 9.73
CA TRP A 434 -32.72 4.28 8.82
C TRP A 434 -34.08 4.94 8.60
N HIS A 435 -34.74 5.32 9.69
CA HIS A 435 -36.02 5.99 9.56
C HIS A 435 -36.04 7.32 8.76
N PHE A 436 -34.98 8.11 8.95
CA PHE A 436 -34.66 9.45 8.38
C PHE A 436 -33.77 9.39 7.13
N ARG A 437 -33.95 8.31 6.44
CA ARG A 437 -33.08 7.77 5.44
C ARG A 437 -32.89 8.82 4.39
N TYR A 438 -33.97 9.46 4.04
CA TYR A 438 -34.01 10.47 3.02
C TYR A 438 -33.23 11.72 3.39
N GLU A 439 -33.17 11.99 4.69
CA GLU A 439 -32.32 13.05 5.18
C GLU A 439 -30.87 12.61 5.14
N SER A 440 -30.58 11.41 5.63
CA SER A 440 -29.21 10.89 5.61
C SER A 440 -28.59 10.96 4.22
N LEU A 441 -29.41 10.84 3.17
CA LEU A 441 -28.90 10.80 1.81
C LEU A 441 -28.39 12.16 1.37
N LYS A 442 -28.74 13.20 2.12
CA LYS A 442 -28.31 14.56 1.79
C LYS A 442 -26.95 14.88 2.45
N HIS A 443 -26.37 13.90 3.13
CA HIS A 443 -25.10 14.05 3.83
C HIS A 443 -24.13 12.96 3.38
N PRO A 444 -23.30 13.23 2.36
CA PRO A 444 -22.40 12.16 1.90
C PRO A 444 -21.57 11.52 3.00
N LYS A 445 -21.16 12.26 4.03
CA LYS A 445 -20.43 11.66 5.14
C LYS A 445 -21.22 10.70 5.99
N ALA A 446 -22.53 10.63 5.76
CA ALA A 446 -23.36 9.72 6.51
C ALA A 446 -23.52 8.37 5.84
N TYR A 447 -23.07 8.28 4.60
CA TYR A 447 -23.29 7.08 3.80
C TYR A 447 -22.77 5.81 4.51
N PRO A 448 -21.53 5.82 5.01
CA PRO A 448 -21.04 4.62 5.70
C PRO A 448 -21.87 4.23 6.97
N LYS A 449 -22.35 5.22 7.70
CA LYS A 449 -23.10 4.97 8.92
C LYS A 449 -24.48 4.52 8.53
N LEU A 450 -25.07 5.21 7.56
CA LEU A 450 -26.39 4.82 7.12
C LEU A 450 -26.39 3.38 6.61
N PHE A 451 -25.34 2.99 5.89
CA PHE A 451 -25.39 1.67 5.28
C PHE A 451 -25.03 0.58 6.27
N SER A 452 -24.40 0.98 7.37
CA SER A 452 -24.23 0.05 8.47
C SER A 452 -25.51 -0.03 9.32
N SER A 453 -26.48 0.84 9.05
CA SER A 453 -27.74 0.87 9.77
C SER A 453 -28.82 0.06 9.05
N VAL A 454 -28.42 -0.62 7.98
CA VAL A 454 -29.36 -1.38 7.19
C VAL A 454 -29.45 -2.79 7.77
N LYS A 455 -30.66 -3.35 7.85
CA LYS A 455 -30.72 -4.75 8.20
C LYS A 455 -30.67 -5.52 6.91
N TRP A 456 -29.51 -6.16 6.68
CA TRP A 456 -29.24 -6.85 5.42
C TRP A 456 -29.79 -8.26 5.48
N GLY A 457 -30.21 -8.71 6.66
CA GLY A 457 -30.82 -10.02 6.82
C GLY A 457 -32.32 -9.98 6.46
N GLN A 458 -32.82 -8.81 6.06
CA GLN A 458 -34.23 -8.64 5.68
C GLN A 458 -34.40 -8.20 4.22
N GLN A 459 -35.02 -9.02 3.38
CA GLN A 459 -35.09 -8.71 1.96
C GLN A 459 -35.91 -7.45 1.60
N GLU A 460 -37.02 -7.20 2.26
CA GLU A 460 -37.79 -5.98 1.98
C GLU A 460 -36.91 -4.76 2.23
N ILE A 461 -36.14 -4.83 3.30
CA ILE A 461 -35.35 -3.68 3.74
C ILE A 461 -34.18 -3.46 2.76
N VAL A 462 -33.53 -4.54 2.34
CA VAL A 462 -32.48 -4.44 1.33
C VAL A 462 -33.07 -3.80 0.06
N ALA A 463 -34.21 -4.32 -0.35
CA ALA A 463 -34.99 -3.76 -1.44
C ALA A 463 -35.22 -2.26 -1.35
N LYS A 464 -35.66 -1.77 -0.18
CA LYS A 464 -35.81 -0.33 0.04
C LYS A 464 -34.48 0.39 -0.17
N THR A 465 -33.39 -0.27 0.23
CA THR A 465 -32.07 0.33 0.17
C THR A 465 -31.70 0.59 -1.28
N TYR A 466 -32.07 -0.35 -2.15
CA TYR A 466 -31.79 -0.18 -3.57
C TYR A 466 -32.61 0.95 -4.15
N GLN A 467 -33.88 1.06 -3.75
CA GLN A 467 -34.70 2.18 -4.17
C GLN A 467 -34.05 3.49 -3.75
N LEU A 468 -33.53 3.50 -2.53
CA LEU A 468 -32.86 4.66 -1.97
C LEU A 468 -31.67 5.10 -2.83
N LEU A 469 -30.87 4.13 -3.26
CA LEU A 469 -29.72 4.40 -4.13
C LEU A 469 -30.14 4.94 -5.47
N ALA A 470 -31.33 4.53 -5.91
CA ALA A 470 -31.88 4.94 -7.20
C ALA A 470 -31.86 6.45 -7.43
N ARG A 471 -32.15 7.22 -6.40
CA ARG A 471 -32.04 8.66 -6.53
C ARG A 471 -30.73 8.97 -5.89
N ARG A 472 -29.71 9.11 -6.73
CA ARG A 472 -28.34 9.28 -6.25
C ARG A 472 -27.85 10.71 -6.36
N GLU A 473 -28.74 11.63 -6.77
CA GLU A 473 -28.36 12.96 -7.23
C GLU A 473 -27.28 13.62 -6.39
N VAL A 474 -27.47 13.58 -5.09
CA VAL A 474 -26.54 14.22 -4.19
C VAL A 474 -25.17 13.56 -4.14
N TRP A 475 -25.15 12.22 -4.13
CA TRP A 475 -23.88 11.50 -4.10
C TRP A 475 -23.10 11.76 -5.40
N ASP A 476 -23.77 11.65 -6.54
CA ASP A 476 -23.17 11.86 -7.85
C ASP A 476 -22.60 13.26 -8.00
N GLN A 477 -23.26 14.28 -7.46
CA GLN A 477 -22.76 15.63 -7.68
C GLN A 477 -21.75 16.09 -6.66
N SER A 478 -21.53 15.30 -5.62
CA SER A 478 -20.62 15.78 -4.58
C SER A 478 -19.16 15.72 -4.95
N ALA A 479 -18.38 16.56 -4.27
CA ALA A 479 -16.94 16.57 -4.44
C ALA A 479 -16.41 15.21 -4.03
N LEU A 480 -15.50 14.67 -4.82
CA LEU A 480 -14.83 13.42 -4.47
C LEU A 480 -14.13 13.50 -3.12
N ASP A 481 -14.49 12.62 -2.18
CA ASP A 481 -13.79 12.50 -0.89
C ASP A 481 -13.16 11.11 -0.76
N VAL A 482 -11.84 11.01 -0.87
CA VAL A 482 -11.21 9.70 -0.91
C VAL A 482 -11.41 8.87 0.34
N GLY A 483 -11.18 9.44 1.52
CA GLY A 483 -11.41 8.70 2.75
C GLY A 483 -12.83 8.17 2.94
N LEU A 484 -13.81 8.91 2.45
CA LEU A 484 -15.22 8.54 2.53
C LEU A 484 -15.41 7.35 1.58
N THR A 485 -14.98 7.51 0.34
CA THR A 485 -14.99 6.40 -0.59
C THR A 485 -14.30 5.17 0.03
N MET A 486 -13.09 5.34 0.56
CA MET A 486 -12.37 4.24 1.17
C MET A 486 -13.18 3.51 2.27
N GLN A 487 -14.04 4.23 2.99
CA GLN A 487 -14.82 3.54 4.02
C GLN A 487 -15.81 2.59 3.42
N LEU A 488 -16.33 2.88 2.24
CA LEU A 488 -17.32 1.98 1.64
C LEU A 488 -16.68 0.78 1.02
N LEU A 489 -15.37 0.79 0.90
CA LEU A 489 -14.65 -0.39 0.40
C LEU A 489 -13.97 -1.30 1.44
N ASP A 490 -14.10 -0.97 2.73
CA ASP A 490 -13.48 -1.77 3.80
C ASP A 490 -14.34 -2.98 4.18
N CYS A 491 -14.01 -3.64 5.30
CA CYS A 491 -14.62 -4.93 5.67
C CYS A 491 -16.08 -4.80 6.14
N ASN A 492 -16.60 -3.59 6.29
CA ASN A 492 -17.94 -3.47 6.85
C ASN A 492 -19.03 -3.45 5.79
N PHE A 493 -18.66 -3.49 4.51
CA PHE A 493 -19.70 -3.50 3.46
C PHE A 493 -19.52 -4.61 2.43
N SER A 494 -20.41 -5.57 2.45
CA SER A 494 -20.39 -6.68 1.51
C SER A 494 -21.36 -6.52 0.35
N ASP A 495 -22.17 -5.47 0.37
CA ASP A 495 -23.13 -5.27 -0.70
C ASP A 495 -22.51 -4.69 -1.96
N GLU A 496 -22.74 -5.34 -3.10
CA GLU A 496 -22.08 -4.91 -4.33
C GLU A 496 -22.57 -3.54 -4.79
N ASN A 497 -23.81 -3.16 -4.46
CA ASN A 497 -24.32 -1.86 -4.92
C ASN A 497 -23.75 -0.72 -4.08
N VAL A 498 -23.71 -0.91 -2.77
CA VAL A 498 -22.99 0.04 -1.91
C VAL A 498 -21.53 0.22 -2.37
N ARG A 499 -20.82 -0.89 -2.57
CA ARG A 499 -19.42 -0.83 -2.93
C ARG A 499 -19.26 -0.20 -4.33
N ALA A 500 -20.20 -0.46 -5.23
CA ALA A 500 -20.13 0.08 -6.60
C ALA A 500 -20.20 1.62 -6.66
N ILE A 501 -20.97 2.22 -5.78
CA ILE A 501 -21.08 3.68 -5.77
C ILE A 501 -19.74 4.24 -5.30
N ALA A 502 -19.08 3.54 -4.38
CA ALA A 502 -17.76 4.01 -3.98
C ALA A 502 -16.89 4.03 -5.26
N VAL A 503 -16.90 2.96 -6.04
CA VAL A 503 -16.04 2.88 -7.24
C VAL A 503 -16.43 3.89 -8.30
N GLN A 504 -17.70 4.22 -8.40
CA GLN A 504 -18.13 5.30 -9.29
C GLN A 504 -17.35 6.55 -8.93
N LYS A 505 -17.33 6.89 -7.65
CA LYS A 505 -16.63 8.08 -7.19
C LYS A 505 -15.10 8.05 -7.41
N LEU A 506 -14.54 6.86 -7.60
CA LEU A 506 -13.11 6.74 -7.89
C LEU A 506 -12.82 7.10 -9.34
N GLU A 507 -13.80 6.88 -10.21
CA GLU A 507 -13.64 7.07 -11.64
C GLU A 507 -13.08 8.46 -11.99
N SER A 508 -13.33 9.48 -11.15
CA SER A 508 -12.90 10.87 -11.42
C SER A 508 -11.46 11.21 -10.97
N LEU A 509 -10.75 10.24 -10.44
CA LEU A 509 -9.35 10.38 -10.00
C LEU A 509 -8.38 10.49 -11.17
N GLU A 510 -7.54 11.52 -11.13
CA GLU A 510 -6.43 11.61 -12.07
C GLU A 510 -5.33 10.61 -11.69
N ASP A 511 -4.56 10.16 -12.69
CA ASP A 511 -3.58 9.08 -12.49
C ASP A 511 -2.68 9.36 -11.30
N ASP A 512 -2.35 10.63 -11.15
CA ASP A 512 -1.56 11.13 -10.05
C ASP A 512 -2.10 10.65 -8.71
N ASP A 513 -3.41 10.75 -8.53
CA ASP A 513 -4.01 10.34 -7.27
C ASP A 513 -4.26 8.86 -7.18
N VAL A 514 -4.45 8.21 -8.32
CA VAL A 514 -4.61 6.76 -8.30
C VAL A 514 -3.31 6.10 -7.83
N LEU A 515 -2.15 6.67 -8.19
CA LEU A 515 -0.87 6.18 -7.70
C LEU A 515 -0.70 6.33 -6.20
N HIS A 516 -1.13 7.46 -5.68
CA HIS A 516 -1.10 7.76 -4.25
C HIS A 516 -1.84 6.63 -3.49
N TYR A 517 -3.02 6.25 -3.98
CA TYR A 517 -3.86 5.29 -3.28
C TYR A 517 -3.82 3.88 -3.83
N LEU A 518 -3.01 3.62 -4.85
CA LEU A 518 -3.03 2.31 -5.51
C LEU A 518 -2.92 1.10 -4.56
N LEU A 519 -1.90 1.12 -3.72
CA LEU A 519 -1.63 0.04 -2.78
C LEU A 519 -2.84 -0.23 -1.90
N GLN A 520 -3.45 0.83 -1.37
CA GLN A 520 -4.59 0.65 -0.50
C GLN A 520 -5.81 0.13 -1.26
N LEU A 521 -5.99 0.55 -2.52
CA LEU A 521 -7.08 0.01 -3.35
C LEU A 521 -6.91 -1.49 -3.66
N VAL A 522 -5.69 -1.89 -4.04
CA VAL A 522 -5.34 -3.30 -4.22
C VAL A 522 -5.62 -4.13 -2.98
N GLN A 523 -5.22 -3.64 -1.81
CA GLN A 523 -5.51 -4.37 -0.59
C GLN A 523 -7.01 -4.52 -0.31
N ALA A 524 -7.78 -3.48 -0.64
CA ALA A 524 -9.23 -3.46 -0.44
C ALA A 524 -9.95 -4.56 -1.23
N VAL A 525 -9.30 -5.06 -2.29
CA VAL A 525 -9.89 -6.13 -3.09
C VAL A 525 -10.17 -7.36 -2.17
N LYS A 526 -9.37 -7.51 -1.10
CA LYS A 526 -9.55 -8.60 -0.13
C LYS A 526 -10.94 -8.59 0.53
N PHE A 527 -11.52 -7.39 0.64
CA PHE A 527 -12.81 -7.19 1.29
C PHE A 527 -13.98 -7.42 0.31
N GLU A 528 -13.67 -7.71 -0.93
CA GLU A 528 -14.68 -7.98 -1.93
C GLU A 528 -15.25 -9.42 -1.76
N PRO A 529 -16.57 -9.56 -1.63
CA PRO A 529 -17.14 -10.92 -1.47
C PRO A 529 -16.82 -11.80 -2.70
N TYR A 530 -16.85 -11.20 -3.89
CA TYR A 530 -16.69 -11.96 -5.13
C TYR A 530 -15.41 -11.59 -5.87
N HIS A 531 -14.84 -12.55 -6.63
CA HIS A 531 -13.59 -12.33 -7.40
C HIS A 531 -13.74 -11.25 -8.46
N ASP A 532 -14.88 -11.25 -9.15
CA ASP A 532 -15.21 -10.21 -10.11
C ASP A 532 -15.99 -9.10 -9.42
N SER A 533 -15.38 -7.93 -9.36
CA SER A 533 -15.94 -6.79 -8.68
C SER A 533 -15.72 -5.50 -9.45
N ALA A 534 -16.61 -4.54 -9.27
CA ALA A 534 -16.44 -3.19 -9.80
C ALA A 534 -15.01 -2.68 -9.47
N LEU A 535 -14.57 -2.84 -8.22
CA LEU A 535 -13.25 -2.39 -7.78
C LEU A 535 -12.11 -3.08 -8.53
N ALA A 536 -12.23 -4.40 -8.65
CA ALA A 536 -11.26 -5.17 -9.42
C ALA A 536 -11.28 -4.68 -10.87
N ARG A 537 -12.46 -4.38 -11.39
CA ARG A 537 -12.52 -3.91 -12.77
C ARG A 537 -11.93 -2.52 -12.87
N PHE A 538 -12.08 -1.72 -11.81
CA PHE A 538 -11.51 -0.39 -11.85
C PHE A 538 -9.93 -0.38 -11.82
N LEU A 539 -9.33 -1.21 -10.97
CA LEU A 539 -7.88 -1.37 -10.97
C LEU A 539 -7.38 -1.83 -12.34
N LEU A 540 -8.07 -2.76 -12.97
CA LEU A 540 -7.71 -3.22 -14.30
C LEU A 540 -7.60 -2.11 -15.31
N LYS A 541 -8.64 -1.32 -15.41
CA LYS A 541 -8.72 -0.24 -16.35
C LYS A 541 -7.71 0.85 -16.14
N ARG A 542 -7.51 1.26 -14.90
CA ARG A 542 -6.53 2.30 -14.65
C ARG A 542 -5.10 1.84 -15.03
N GLY A 543 -4.81 0.59 -14.71
CA GLY A 543 -3.55 -0.05 -15.01
C GLY A 543 -3.34 -0.17 -16.50
N LEU A 544 -4.38 -0.59 -17.22
CA LEU A 544 -4.30 -0.72 -18.66
C LEU A 544 -4.22 0.64 -19.31
N ARG A 545 -4.81 1.63 -18.66
CA ARG A 545 -4.84 2.97 -19.24
C ARG A 545 -3.50 3.74 -19.13
N ASN A 546 -2.66 3.35 -18.18
CA ASN A 546 -1.44 4.09 -17.90
C ASN A 546 -0.33 3.11 -17.50
N LYS A 547 0.87 3.27 -18.05
CA LYS A 547 2.00 2.36 -17.80
C LYS A 547 2.56 2.51 -16.42
N ARG A 548 2.60 3.71 -15.87
CA ARG A 548 3.16 3.82 -14.54
C ARG A 548 2.33 3.11 -13.46
N ILE A 549 1.02 3.26 -13.59
CA ILE A 549 0.04 2.60 -12.76
C ILE A 549 0.09 1.12 -13.03
N GLY A 550 0.06 0.74 -14.31
CA GLY A 550 0.17 -0.66 -14.71
C GLY A 550 1.37 -1.37 -14.07
N HIS A 551 2.54 -0.72 -14.15
CA HIS A 551 3.79 -1.23 -13.55
C HIS A 551 3.63 -1.51 -12.07
N PHE A 552 3.06 -0.57 -11.34
CA PHE A 552 2.96 -0.78 -9.90
C PHE A 552 1.85 -1.78 -9.56
N LEU A 553 0.74 -1.74 -10.27
CA LEU A 553 -0.33 -2.74 -10.13
C LEU A 553 0.28 -4.14 -10.21
N PHE A 554 1.11 -4.37 -11.22
CA PHE A 554 1.78 -5.65 -11.41
C PHE A 554 2.50 -6.05 -10.13
N TRP A 555 3.51 -5.28 -9.71
CA TRP A 555 4.17 -5.63 -8.45
C TRP A 555 3.35 -5.73 -7.18
N PHE A 556 2.32 -4.92 -7.02
CA PHE A 556 1.43 -4.97 -5.84
C PHE A 556 0.69 -6.31 -5.82
N LEU A 557 0.07 -6.64 -6.93
CA LEU A 557 -0.62 -7.90 -7.09
C LEU A 557 0.34 -9.09 -6.95
N ARG A 558 1.51 -9.01 -7.57
CA ARG A 558 2.47 -10.12 -7.48
C ARG A 558 2.97 -10.38 -6.05
N SER A 559 3.14 -9.33 -5.26
CA SER A 559 3.52 -9.47 -3.85
C SER A 559 2.50 -10.35 -3.12
N GLU A 560 1.22 -10.04 -3.26
CA GLU A 560 0.22 -10.81 -2.52
C GLU A 560 0.14 -12.23 -3.06
N ILE A 561 0.21 -12.39 -4.38
CA ILE A 561 0.07 -13.69 -4.98
C ILE A 561 1.19 -14.61 -4.44
N ALA A 562 2.36 -14.04 -4.20
CA ALA A 562 3.51 -14.81 -3.76
C ALA A 562 3.40 -15.23 -2.30
N GLN A 563 2.99 -14.33 -1.39
CA GLN A 563 2.91 -14.67 0.04
C GLN A 563 1.54 -14.95 0.69
N SER A 564 0.47 -14.94 -0.08
CA SER A 564 -0.85 -15.10 0.52
C SER A 564 -1.61 -16.29 0.00
N ARG A 565 -1.83 -17.30 0.84
CA ARG A 565 -2.65 -18.41 0.39
C ARG A 565 -4.12 -18.01 0.41
N HIS A 566 -4.46 -17.07 1.28
CA HIS A 566 -5.80 -16.55 1.43
C HIS A 566 -6.29 -15.88 0.12
N TYR A 567 -5.52 -14.90 -0.40
CA TYR A 567 -5.96 -14.20 -1.62
C TYR A 567 -5.24 -14.46 -2.99
N GLN A 568 -4.24 -15.34 -3.02
CA GLN A 568 -3.50 -15.53 -4.26
C GLN A 568 -4.29 -15.99 -5.47
N GLN A 569 -5.34 -16.74 -5.27
CA GLN A 569 -6.11 -17.19 -6.44
C GLN A 569 -6.81 -16.04 -7.12
N ARG A 570 -7.41 -15.15 -6.33
CA ARG A 570 -8.18 -14.06 -6.85
C ARG A 570 -7.27 -12.98 -7.48
N PHE A 571 -6.21 -12.62 -6.78
CA PHE A 571 -5.21 -11.74 -7.35
C PHE A 571 -4.58 -12.26 -8.63
N ALA A 572 -4.18 -13.53 -8.67
CA ALA A 572 -3.62 -14.12 -9.88
C ALA A 572 -4.50 -13.97 -11.12
N VAL A 573 -5.81 -14.04 -10.92
CA VAL A 573 -6.75 -13.85 -12.02
C VAL A 573 -6.80 -12.41 -12.49
N ILE A 574 -6.65 -11.48 -11.55
CA ILE A 574 -6.68 -10.07 -11.92
C ILE A 574 -5.37 -9.68 -12.64
N LEU A 575 -4.26 -10.24 -12.17
CA LEU A 575 -2.95 -10.01 -12.80
C LEU A 575 -2.97 -10.56 -14.23
N GLU A 576 -3.48 -11.76 -14.44
CA GLU A 576 -3.52 -12.35 -15.79
C GLU A 576 -4.33 -11.42 -16.72
N ALA A 577 -5.51 -10.99 -16.27
CA ALA A 577 -6.34 -10.00 -16.98
C ALA A 577 -5.46 -8.79 -17.36
N TYR A 578 -4.78 -8.19 -16.38
CA TYR A 578 -3.87 -7.06 -16.67
C TYR A 578 -2.85 -7.45 -17.80
N LEU A 579 -2.10 -8.54 -17.61
CA LEU A 579 -1.00 -8.95 -18.48
C LEU A 579 -1.43 -9.19 -19.93
N ARG A 580 -2.66 -9.65 -20.13
CA ARG A 580 -3.17 -9.88 -21.48
C ARG A 580 -3.53 -8.57 -22.19
N GLY A 581 -3.57 -7.46 -21.45
CA GLY A 581 -3.87 -6.17 -22.05
C GLY A 581 -2.75 -5.12 -22.14
N CYS A 582 -1.62 -5.34 -21.48
CA CYS A 582 -0.63 -4.30 -21.29
C CYS A 582 0.27 -4.05 -22.52
N GLY A 583 0.35 -5.00 -23.42
CA GLY A 583 1.22 -4.85 -24.59
C GLY A 583 2.46 -5.71 -24.54
N THR A 584 3.05 -6.03 -25.68
CA THR A 584 4.20 -6.91 -25.62
C THR A 584 5.47 -6.24 -25.10
N ALA A 585 5.58 -4.93 -25.30
CA ALA A 585 6.69 -4.14 -24.75
C ALA A 585 6.66 -4.35 -23.23
N MET A 586 5.49 -4.15 -22.60
CA MET A 586 5.46 -4.28 -21.14
C MET A 586 5.62 -5.73 -20.72
N LEU A 587 5.06 -6.68 -21.48
CA LEU A 587 5.28 -8.09 -21.17
C LEU A 587 6.77 -8.47 -21.14
N HIS A 588 7.52 -7.81 -22.03
CA HIS A 588 8.96 -8.02 -22.14
C HIS A 588 9.65 -7.42 -20.94
N ASP A 589 9.32 -6.16 -20.62
CA ASP A 589 9.89 -5.52 -19.45
C ASP A 589 9.72 -6.36 -18.19
N PHE A 590 8.47 -6.71 -17.89
CA PHE A 590 8.16 -7.59 -16.76
C PHE A 590 8.96 -8.87 -16.76
N THR A 591 9.11 -9.49 -17.93
CA THR A 591 9.82 -10.76 -18.04
C THR A 591 11.29 -10.58 -17.65
N GLN A 592 11.91 -9.51 -18.15
CA GLN A 592 13.27 -9.15 -17.76
C GLN A 592 13.40 -8.93 -16.23
N GLN A 593 12.49 -8.14 -15.66
CA GLN A 593 12.43 -7.88 -14.21
C GLN A 593 12.31 -9.13 -13.37
N VAL A 594 11.26 -9.90 -13.64
CA VAL A 594 11.03 -11.15 -12.92
C VAL A 594 12.27 -12.10 -12.91
N GLN A 595 12.87 -12.32 -14.08
CA GLN A 595 14.06 -13.18 -14.15
C GLN A 595 15.14 -12.66 -13.21
N VAL A 596 15.42 -11.36 -13.27
CA VAL A 596 16.43 -10.83 -12.39
C VAL A 596 16.08 -10.94 -10.89
N ILE A 597 14.91 -10.42 -10.48
CA ILE A 597 14.49 -10.53 -9.08
C ILE A 597 14.56 -11.99 -8.58
N GLU A 598 13.96 -12.99 -9.26
CA GLU A 598 14.04 -14.37 -8.76
C GLU A 598 15.48 -14.86 -8.66
N MET A 599 16.33 -14.62 -9.66
CA MET A 599 17.74 -15.03 -9.52
C MET A 599 18.35 -14.41 -8.28
N LEU A 600 18.09 -13.13 -8.03
CA LEU A 600 18.73 -12.47 -6.91
C LEU A 600 18.04 -12.89 -5.62
N GLN A 601 16.83 -13.43 -5.72
CA GLN A 601 16.23 -13.89 -4.48
C GLN A 601 16.85 -15.20 -4.08
N LYS A 602 17.11 -16.06 -5.06
CA LYS A 602 17.81 -17.30 -4.83
C LYS A 602 19.11 -17.00 -4.09
N VAL A 603 19.88 -16.03 -4.61
CA VAL A 603 21.15 -15.73 -4.00
C VAL A 603 20.95 -15.20 -2.59
N THR A 604 19.94 -14.37 -2.40
CA THR A 604 19.69 -13.76 -1.09
C THR A 604 19.46 -14.81 -0.02
N LEU A 605 18.77 -15.88 -0.39
CA LEU A 605 18.47 -16.95 0.55
C LEU A 605 19.72 -17.80 0.70
N ASP A 606 20.36 -18.16 -0.42
CA ASP A 606 21.60 -18.94 -0.34
C ASP A 606 22.70 -18.30 0.53
N ILE A 607 22.80 -16.97 0.58
CA ILE A 607 23.79 -16.38 1.49
C ILE A 607 23.30 -16.42 2.93
N LYS A 608 22.00 -16.30 3.11
CA LYS A 608 21.43 -16.17 4.44
C LYS A 608 21.61 -17.49 5.21
N SER A 609 21.52 -18.61 4.47
CA SER A 609 21.85 -19.93 5.01
C SER A 609 23.24 -20.43 4.61
N LEU A 610 24.17 -19.48 4.68
CA LEU A 610 25.60 -19.65 4.87
C LEU A 610 26.15 -18.79 6.01
N SER A 611 25.29 -18.19 6.79
CA SER A 611 25.64 -17.11 7.73
C SER A 611 24.72 -17.11 8.96
N ALA A 612 25.10 -16.43 10.04
CA ALA A 612 24.44 -16.75 11.31
C ALA A 612 23.73 -15.62 12.06
N GLU A 613 24.53 -14.96 12.88
CA GLU A 613 24.27 -13.69 13.47
C GLU A 613 25.56 -13.12 13.99
N LYS A 614 25.85 -11.85 13.70
CA LYS A 614 27.19 -11.40 13.97
C LYS A 614 27.46 -11.75 15.43
N TYR A 615 28.56 -12.47 15.63
CA TYR A 615 29.47 -12.72 14.52
C TYR A 615 28.88 -13.63 13.44
N ASP A 616 28.61 -13.04 12.29
CA ASP A 616 29.11 -11.75 11.89
C ASP A 616 29.77 -12.10 10.58
N VAL A 617 30.01 -11.14 9.71
CA VAL A 617 30.61 -11.43 8.43
C VAL A 617 31.84 -10.58 8.33
N SER A 618 33.02 -11.09 7.98
CA SER A 618 33.37 -12.38 7.41
C SER A 618 33.68 -12.26 5.95
N SER A 619 34.95 -12.39 5.64
CA SER A 619 35.44 -12.37 4.29
C SER A 619 34.92 -13.54 3.48
N GLN A 620 34.77 -14.67 4.13
CA GLN A 620 34.28 -15.86 3.45
C GLN A 620 32.86 -15.71 2.94
N VAL A 621 32.00 -15.09 3.73
CA VAL A 621 30.64 -14.85 3.32
C VAL A 621 30.59 -13.92 2.14
N ILE A 622 31.38 -12.87 2.18
CA ILE A 622 31.47 -11.95 1.05
C ILE A 622 32.13 -12.54 -0.21
N SER A 623 32.97 -13.56 -0.05
CA SER A 623 33.59 -14.23 -1.20
C SER A 623 32.59 -15.11 -1.94
N GLN A 624 31.88 -15.96 -1.21
CA GLN A 624 30.81 -16.74 -1.81
C GLN A 624 29.79 -15.83 -2.51
N LEU A 625 29.53 -14.64 -1.97
CA LEU A 625 28.58 -13.71 -2.61
C LEU A 625 29.05 -13.36 -4.00
N LYS A 626 30.25 -12.77 -4.11
CA LYS A 626 30.76 -12.42 -5.40
C LYS A 626 30.82 -13.64 -6.32
N GLN A 627 31.28 -14.76 -5.81
CA GLN A 627 31.28 -15.98 -6.61
C GLN A 627 29.88 -16.25 -7.21
N LYS A 628 28.82 -16.35 -6.43
CA LYS A 628 27.49 -16.56 -7.02
C LYS A 628 27.11 -15.49 -8.05
N LEU A 629 27.35 -14.22 -7.75
CA LEU A 629 27.00 -13.12 -8.66
C LEU A 629 27.81 -13.16 -9.96
N GLU A 630 28.99 -13.76 -9.92
CA GLU A 630 29.84 -13.94 -11.10
C GLU A 630 29.20 -14.99 -12.00
N ASN A 631 28.68 -16.05 -11.41
CA ASN A 631 27.98 -17.09 -12.15
C ASN A 631 26.72 -16.51 -12.81
N LEU A 632 26.07 -15.53 -12.20
CA LEU A 632 24.89 -15.00 -12.88
C LEU A 632 25.24 -14.07 -14.04
N GLN A 633 26.17 -13.16 -13.79
CA GLN A 633 26.60 -12.16 -14.77
C GLN A 633 26.96 -12.88 -16.11
N ASN A 634 27.90 -13.84 -16.06
CA ASN A 634 28.11 -14.76 -17.19
C ASN A 634 28.24 -16.21 -16.72
N SER A 635 27.22 -17.02 -17.00
CA SER A 635 25.98 -16.45 -17.51
C SER A 635 24.81 -17.25 -16.91
N GLN A 636 23.54 -16.86 -17.12
CA GLN A 636 23.11 -15.68 -17.89
C GLN A 636 22.03 -14.87 -17.23
N LEU A 637 22.30 -13.58 -17.13
CA LEU A 637 21.28 -12.64 -16.73
C LEU A 637 21.01 -11.56 -17.78
N PRO A 638 19.79 -10.99 -17.77
CA PRO A 638 19.30 -10.02 -18.78
C PRO A 638 20.23 -8.83 -18.94
N GLU A 639 20.45 -8.32 -20.15
CA GLU A 639 21.29 -7.13 -20.32
C GLU A 639 20.84 -5.98 -19.42
N SER A 640 19.55 -5.60 -19.49
CA SER A 640 18.99 -4.58 -18.60
C SER A 640 17.56 -4.82 -18.06
N PHE A 641 17.17 -4.06 -17.05
CA PHE A 641 15.84 -4.21 -16.51
C PHE A 641 15.39 -2.90 -15.86
N ARG A 642 14.07 -2.72 -15.78
CA ARG A 642 13.52 -1.55 -15.12
C ARG A 642 13.61 -1.80 -13.64
N VAL A 643 13.84 -0.73 -12.89
CA VAL A 643 13.88 -0.81 -11.45
C VAL A 643 12.47 -0.79 -10.90
N PRO A 644 12.04 -1.90 -10.30
CA PRO A 644 10.64 -2.06 -9.88
C PRO A 644 10.06 -0.96 -9.03
N TYR A 645 10.85 -0.29 -8.21
CA TYR A 645 10.36 0.80 -7.37
C TYR A 645 10.54 2.13 -8.06
N ASP A 646 11.24 2.13 -9.17
CA ASP A 646 11.42 3.34 -9.99
C ASP A 646 11.45 2.98 -11.45
N PRO A 647 10.26 2.84 -12.04
CA PRO A 647 10.25 2.31 -13.41
C PRO A 647 10.88 3.24 -14.45
N GLY A 648 11.13 4.50 -14.12
CA GLY A 648 11.97 5.35 -14.97
C GLY A 648 13.39 4.87 -15.17
N LEU A 649 13.98 4.24 -14.15
CA LEU A 649 15.40 3.87 -14.20
C LEU A 649 15.65 2.46 -14.71
N LYS A 650 16.52 2.37 -15.71
CA LYS A 650 16.95 1.09 -16.23
C LYS A 650 18.30 0.74 -15.64
N ALA A 651 18.39 -0.43 -15.00
CA ALA A 651 19.62 -0.95 -14.40
C ALA A 651 20.37 -1.76 -15.45
N GLY A 652 21.68 -1.61 -15.44
CA GLY A 652 22.62 -2.29 -16.32
C GLY A 652 23.18 -3.52 -15.67
N ALA A 653 24.46 -3.81 -15.92
CA ALA A 653 25.16 -4.93 -15.31
C ALA A 653 25.49 -4.65 -13.85
N LEU A 654 25.59 -5.72 -13.06
CA LEU A 654 26.02 -5.57 -11.68
C LEU A 654 27.39 -4.94 -11.68
N ALA A 655 27.71 -4.16 -10.65
CA ALA A 655 29.08 -3.83 -10.37
C ALA A 655 29.46 -4.75 -9.23
N ILE A 656 30.22 -5.79 -9.55
CA ILE A 656 30.40 -6.86 -8.57
C ILE A 656 31.41 -6.44 -7.49
N GLU A 657 32.27 -5.48 -7.78
CA GLU A 657 33.25 -5.07 -6.78
C GLU A 657 32.52 -4.29 -5.68
N LYS A 658 31.40 -3.61 -5.95
CA LYS A 658 30.81 -2.82 -4.87
C LYS A 658 29.70 -3.61 -4.17
N CYS A 659 29.40 -4.81 -4.64
CA CYS A 659 28.37 -5.62 -4.02
C CYS A 659 28.99 -6.22 -2.75
N LYS A 660 28.17 -6.48 -1.75
CA LYS A 660 28.66 -6.98 -0.48
C LYS A 660 27.52 -7.47 0.38
N VAL A 661 27.85 -7.91 1.60
CA VAL A 661 26.80 -8.40 2.46
C VAL A 661 26.91 -7.41 3.60
N MET A 662 25.75 -7.12 4.16
CA MET A 662 25.57 -6.21 5.28
C MET A 662 25.80 -6.90 6.59
N ALA A 663 26.53 -6.20 7.45
CA ALA A 663 26.86 -6.68 8.78
C ALA A 663 25.67 -6.97 9.67
N SER A 664 24.44 -6.72 9.21
CA SER A 664 23.34 -6.76 10.16
C SER A 664 23.09 -8.20 10.61
N LYS A 665 21.99 -8.38 11.34
CA LYS A 665 21.52 -9.68 11.82
C LYS A 665 21.06 -10.45 10.60
N LYS A 666 20.09 -9.89 9.87
CA LYS A 666 19.38 -10.56 8.80
C LYS A 666 20.23 -10.82 7.53
N LYS A 667 21.48 -10.33 7.51
CA LYS A 667 22.42 -10.41 6.37
C LYS A 667 21.87 -10.17 4.94
N PRO A 668 21.32 -8.98 4.71
CA PRO A 668 20.85 -8.52 3.42
C PRO A 668 21.95 -8.23 2.44
N LEU A 669 21.66 -8.39 1.15
CA LEU A 669 22.64 -8.06 0.13
C LEU A 669 22.60 -6.57 -0.17
N TRP A 670 23.76 -6.00 -0.46
CA TRP A 670 23.86 -4.63 -0.92
C TRP A 670 24.36 -4.74 -2.35
N LEU A 671 23.50 -4.43 -3.31
CA LEU A 671 23.85 -4.60 -4.72
C LEU A 671 23.90 -3.26 -5.44
N GLU A 672 24.78 -3.16 -6.43
CA GLU A 672 24.85 -1.93 -7.21
C GLU A 672 24.97 -2.28 -8.66
N PHE A 673 24.23 -1.55 -9.47
CA PHE A 673 24.21 -1.80 -10.89
C PHE A 673 24.74 -0.58 -11.62
N LYS A 674 25.25 -0.75 -12.82
CA LYS A 674 25.46 0.44 -13.65
C LYS A 674 24.15 0.82 -14.26
N CYS A 675 23.98 2.11 -14.51
CA CYS A 675 22.81 2.52 -15.24
C CYS A 675 23.01 2.27 -16.73
N ALA A 676 22.03 1.59 -17.32
CA ALA A 676 21.99 1.25 -18.75
C ALA A 676 21.77 2.38 -19.74
N ASP A 677 21.30 3.53 -19.26
CA ASP A 677 20.98 4.65 -20.13
C ASP A 677 22.22 5.52 -20.38
N PRO A 678 22.75 5.52 -21.62
CA PRO A 678 23.98 6.26 -21.90
C PRO A 678 23.82 7.77 -21.86
N THR A 679 22.60 8.28 -21.93
CA THR A 679 22.33 9.73 -21.89
C THR A 679 22.25 10.24 -20.45
N ALA A 680 22.51 9.35 -19.50
CA ALA A 680 22.46 9.71 -18.07
C ALA A 680 23.53 10.75 -17.75
N LEU A 681 23.17 11.69 -16.88
CA LEU A 681 24.03 12.81 -16.55
C LEU A 681 25.29 12.36 -15.80
N SER A 682 25.11 11.58 -14.74
CA SER A 682 26.22 11.11 -13.92
C SER A 682 26.59 9.65 -14.13
N ASN A 683 27.67 9.22 -13.45
CA ASN A 683 28.19 7.86 -13.54
C ASN A 683 27.72 7.03 -12.37
N GLU A 684 26.96 7.67 -11.48
CA GLU A 684 26.49 6.97 -10.29
C GLU A 684 25.74 5.70 -10.56
N THR A 685 25.95 4.75 -9.66
CA THR A 685 25.33 3.47 -9.85
C THR A 685 23.96 3.50 -9.23
N ILE A 686 23.21 2.43 -9.45
CA ILE A 686 21.92 2.24 -8.86
C ILE A 686 22.01 1.22 -7.74
N GLY A 687 21.86 1.65 -6.48
CA GLY A 687 21.98 0.71 -5.38
C GLY A 687 20.66 0.05 -5.08
N ILE A 688 20.71 -1.24 -4.76
CA ILE A 688 19.54 -1.98 -4.32
C ILE A 688 19.94 -2.97 -3.24
N ILE A 689 19.12 -3.04 -2.19
CA ILE A 689 19.31 -3.93 -1.06
C ILE A 689 18.24 -5.00 -1.12
N PHE A 690 18.70 -6.23 -1.20
CA PHE A 690 17.83 -7.38 -1.10
C PHE A 690 17.88 -7.90 0.34
N LYS A 691 16.71 -8.09 0.97
CA LYS A 691 16.60 -8.48 2.38
C LYS A 691 15.59 -9.57 2.62
N HIS A 692 16.05 -10.57 3.36
CA HIS A 692 15.25 -11.56 4.01
C HIS A 692 15.71 -11.76 5.48
N GLY A 693 14.85 -11.51 6.45
CA GLY A 693 13.62 -10.86 6.23
C GLY A 693 12.85 -10.52 7.49
N ASP A 694 12.20 -9.42 7.24
CA ASP A 694 11.19 -8.83 7.93
C ASP A 694 10.11 -8.85 6.89
N ASP A 695 8.97 -8.31 7.24
CA ASP A 695 7.88 -8.09 6.31
C ASP A 695 7.82 -6.71 5.62
N LEU A 696 8.17 -6.72 4.34
CA LEU A 696 8.36 -5.54 3.54
C LEU A 696 6.98 -4.97 3.13
N ARG A 697 5.93 -5.76 3.40
CA ARG A 697 4.55 -5.30 3.15
C ARG A 697 4.19 -4.23 4.13
N GLN A 698 4.68 -4.39 5.35
CA GLN A 698 4.41 -3.39 6.37
C GLN A 698 5.15 -2.12 5.98
N ASP A 699 6.39 -2.22 5.50
CA ASP A 699 7.07 -1.02 5.03
C ASP A 699 6.35 -0.34 3.87
N MET A 700 5.85 -1.10 2.92
CA MET A 700 5.12 -0.51 1.83
C MET A 700 3.86 0.20 2.24
N LEU A 701 3.04 -0.41 3.06
CA LEU A 701 1.86 0.23 3.59
C LEU A 701 2.17 1.58 4.30
N ILE A 702 3.23 1.62 5.09
CA ILE A 702 3.57 2.85 5.81
C ILE A 702 4.10 3.95 4.89
N LEU A 703 4.97 3.57 3.97
CA LEU A 703 5.55 4.53 3.05
C LEU A 703 4.46 5.16 2.19
N GLN A 704 3.45 4.37 1.86
CA GLN A 704 2.37 4.89 1.06
C GLN A 704 1.56 5.94 1.85
N ILE A 705 1.22 5.62 3.09
CA ILE A 705 0.52 6.55 3.99
C ILE A 705 1.35 7.83 4.19
N LEU A 706 2.66 7.64 4.12
CA LEU A 706 3.62 8.71 4.28
C LEU A 706 3.53 9.66 3.08
N ARG A 707 3.45 9.10 1.88
CA ARG A 707 3.27 9.91 0.68
C ARG A 707 1.92 10.61 0.66
N ILE A 708 0.95 10.05 1.36
CA ILE A 708 -0.36 10.64 1.45
C ILE A 708 -0.28 11.84 2.38
N MET A 709 0.33 11.66 3.53
CA MET A 709 0.52 12.75 4.48
C MET A 709 1.24 13.96 3.83
N GLU A 710 2.24 13.65 3.00
CA GLU A 710 2.96 14.67 2.23
C GLU A 710 1.99 15.43 1.34
N SER A 711 1.18 14.73 0.56
CA SER A 711 0.29 15.44 -0.35
C SER A 711 -0.70 16.31 0.42
N ILE A 712 -1.06 15.91 1.63
CA ILE A 712 -1.94 16.71 2.46
C ILE A 712 -1.24 17.99 2.85
N TRP A 713 0.02 17.86 3.25
CA TRP A 713 0.78 19.08 3.53
C TRP A 713 1.03 19.98 2.32
N GLU A 714 1.15 19.39 1.14
CA GLU A 714 1.31 20.16 -0.10
C GLU A 714 0.15 21.10 -0.46
N THR A 715 -1.06 20.75 -0.02
CA THR A 715 -2.24 21.56 -0.30
C THR A 715 -2.26 22.77 0.61
N GLU A 716 -1.68 22.58 1.78
CA GLU A 716 -1.52 23.66 2.73
C GLU A 716 -0.18 24.40 2.56
N SER A 717 0.55 24.06 1.49
CA SER A 717 1.86 24.67 1.19
C SER A 717 2.99 24.38 2.16
N LEU A 718 2.88 23.26 2.85
CA LEU A 718 3.90 22.85 3.80
C LEU A 718 4.84 21.85 3.13
N ASP A 719 6.13 21.90 3.45
CA ASP A 719 7.04 20.87 2.95
C ASP A 719 7.78 20.36 4.17
N LEU A 720 7.51 19.12 4.53
CA LEU A 720 8.16 18.51 5.68
C LEU A 720 9.34 17.62 5.33
N CYS A 721 9.70 17.62 4.06
CA CYS A 721 10.91 16.98 3.59
C CYS A 721 10.98 15.50 3.97
N LEU A 722 9.91 14.75 3.73
CA LEU A 722 9.93 13.31 4.01
C LEU A 722 10.80 12.62 2.94
N LEU A 723 11.03 11.33 3.12
CA LEU A 723 11.89 10.50 2.27
C LEU A 723 11.36 9.07 2.15
N PRO A 724 10.25 8.91 1.47
CA PRO A 724 9.67 7.58 1.31
C PRO A 724 10.42 6.81 0.23
N TYR A 725 11.52 6.17 0.62
CA TYR A 725 12.36 5.34 -0.28
C TYR A 725 11.57 4.24 -0.98
N GLY A 726 11.97 3.86 -2.21
CA GLY A 726 11.28 2.78 -2.89
C GLY A 726 11.46 1.48 -2.14
N CYS A 727 10.37 0.78 -1.89
CA CYS A 727 10.40 -0.54 -1.26
C CYS A 727 9.37 -1.47 -1.86
N ILE A 728 9.76 -2.56 -2.48
CA ILE A 728 8.80 -3.54 -2.98
C ILE A 728 8.88 -4.95 -2.35
N SER A 729 7.75 -5.50 -1.92
CA SER A 729 7.69 -6.87 -1.42
C SER A 729 7.52 -7.86 -2.56
N THR A 730 8.35 -8.89 -2.50
CA THR A 730 8.55 -9.88 -3.57
C THR A 730 7.93 -11.21 -3.14
N GLY A 731 8.27 -11.67 -1.94
CA GLY A 731 7.77 -12.94 -1.44
C GLY A 731 7.65 -12.90 0.09
N ASP A 732 7.39 -14.05 0.71
CA ASP A 732 7.21 -14.11 2.15
C ASP A 732 8.49 -13.59 2.82
N LYS A 733 8.35 -12.58 3.67
CA LYS A 733 9.48 -11.96 4.35
C LYS A 733 10.71 -11.64 3.44
N ILE A 734 10.44 -11.16 2.23
CA ILE A 734 11.53 -10.85 1.29
C ILE A 734 11.18 -9.76 0.28
N GLY A 735 12.17 -8.96 -0.12
CA GLY A 735 11.93 -7.88 -1.06
C GLY A 735 13.14 -7.03 -1.39
N MET A 736 12.91 -5.93 -2.11
CA MET A 736 13.99 -5.00 -2.37
C MET A 736 13.71 -3.63 -1.76
N ILE A 737 14.80 -2.88 -1.56
CA ILE A 737 14.73 -1.59 -0.97
C ILE A 737 15.67 -0.62 -1.72
N GLU A 738 15.20 0.59 -2.02
CA GLU A 738 16.04 1.59 -2.64
C GLU A 738 17.16 2.11 -1.76
N ILE A 739 18.40 2.03 -2.26
CA ILE A 739 19.50 2.55 -1.49
C ILE A 739 19.49 4.08 -1.67
N VAL A 740 19.41 4.81 -0.57
CA VAL A 740 19.53 6.25 -0.55
C VAL A 740 21.00 6.59 -0.42
N LYS A 741 21.51 7.35 -1.37
CA LYS A 741 22.93 7.60 -1.46
C LYS A 741 23.37 8.61 -0.40
N ASP A 742 24.56 8.39 0.16
CA ASP A 742 25.12 9.31 1.14
C ASP A 742 24.32 9.36 2.41
N ALA A 743 23.87 8.20 2.87
CA ALA A 743 23.02 8.21 4.03
C ALA A 743 23.59 7.29 5.07
N THR A 744 23.32 7.62 6.31
CA THR A 744 23.79 6.74 7.35
C THR A 744 22.76 6.59 8.42
N THR A 745 23.01 5.60 9.24
CA THR A 745 22.18 5.34 10.38
C THR A 745 22.58 6.21 11.58
N ILE A 746 21.61 6.70 12.34
CA ILE A 746 21.92 7.49 13.55
C ILE A 746 22.74 6.66 14.55
N ALA A 747 22.46 5.37 14.61
CA ALA A 747 23.23 4.48 15.48
C ALA A 747 24.68 4.51 15.03
N LYS A 748 24.92 4.23 13.75
CA LYS A 748 26.28 4.18 13.22
C LYS A 748 27.05 5.50 13.41
N ILE A 749 26.34 6.62 13.59
CA ILE A 749 27.03 7.89 13.87
C ILE A 749 27.43 8.00 15.32
N GLN A 750 26.74 7.27 16.18
CA GLN A 750 27.12 7.20 17.59
C GLN A 750 28.25 6.21 17.75
N GLN A 751 28.25 5.09 17.04
CA GLN A 751 29.33 4.13 17.30
C GLN A 751 30.64 4.43 16.56
N SER A 752 30.69 5.48 15.75
CA SER A 752 31.93 5.94 15.08
C SER A 752 32.79 6.68 16.07
N THR A 753 32.11 7.54 16.82
CA THR A 753 32.68 8.36 17.87
C THR A 753 32.90 7.52 19.10
N VAL A 754 32.03 6.53 19.30
CA VAL A 754 32.16 5.71 20.52
C VAL A 754 32.41 4.18 20.51
N GLY A 755 31.90 3.38 19.60
CA GLY A 755 32.13 1.97 19.88
C GLY A 755 30.92 1.08 19.99
N ASN A 756 30.96 0.05 20.83
CA ASN A 756 29.84 -0.87 20.79
C ASN A 756 28.72 -0.63 21.82
N THR A 757 28.90 0.40 22.65
CA THR A 757 27.87 1.04 23.47
C THR A 757 27.01 1.94 22.58
N GLY A 758 25.91 2.54 23.03
CA GLY A 758 25.23 2.43 24.33
C GLY A 758 25.37 3.61 25.29
N ALA A 759 26.47 4.35 25.15
CA ALA A 759 26.70 5.61 25.84
C ALA A 759 26.60 6.68 24.78
N PHE A 760 25.49 7.41 24.82
CA PHE A 760 25.10 8.31 23.74
C PHE A 760 25.50 9.80 23.97
N LYS A 761 26.41 10.28 23.14
CA LYS A 761 26.86 11.68 23.19
C LYS A 761 26.02 12.66 22.37
N ASP A 762 25.69 13.78 22.98
CA ASP A 762 24.79 14.76 22.39
C ASP A 762 25.33 15.52 21.17
N GLU A 763 26.64 15.70 21.09
CA GLU A 763 27.21 16.62 20.09
C GLU A 763 27.55 15.85 18.81
N VAL A 764 27.50 14.53 18.91
CA VAL A 764 27.97 13.71 17.81
C VAL A 764 27.28 13.97 16.46
N LEU A 765 25.97 14.01 16.43
CA LEU A 765 25.21 14.23 15.21
C LEU A 765 25.60 15.52 14.49
N ASN A 766 25.71 16.60 15.26
CA ASN A 766 26.08 17.89 14.69
C ASN A 766 27.50 17.93 14.17
N HIS A 767 28.42 17.18 14.78
CA HIS A 767 29.77 17.13 14.25
C HIS A 767 29.77 16.36 12.93
N TRP A 768 29.04 15.26 12.88
CA TRP A 768 28.94 14.49 11.64
C TRP A 768 28.38 15.32 10.47
N LEU A 769 27.42 16.19 10.77
CA LEU A 769 26.82 17.01 9.71
C LEU A 769 27.83 18.02 9.23
N LYS A 770 28.42 18.74 10.17
CA LYS A 770 29.41 19.72 9.83
C LYS A 770 30.59 19.08 9.02
N GLU A 771 31.12 17.94 9.48
CA GLU A 771 32.23 17.26 8.80
C GLU A 771 31.87 16.88 7.34
N LYS A 772 30.61 16.52 7.12
CA LYS A 772 30.10 16.05 5.82
C LYS A 772 29.58 17.17 4.94
N SER A 773 29.78 18.42 5.33
CA SER A 773 29.29 19.52 4.50
C SER A 773 30.45 20.20 3.83
N PRO A 774 30.41 20.24 2.49
CA PRO A 774 31.52 20.87 1.75
C PRO A 774 31.68 22.34 2.09
N THR A 775 30.59 23.09 2.20
CA THR A 775 30.67 24.51 2.53
C THR A 775 29.93 24.79 3.83
N GLU A 776 29.93 26.04 4.26
CA GLU A 776 29.08 26.36 5.39
C GLU A 776 27.69 26.73 4.94
N GLU A 777 27.53 27.04 3.67
CA GLU A 777 26.20 27.40 3.20
C GLU A 777 25.41 26.08 3.08
N LYS A 778 26.08 24.98 2.75
CA LYS A 778 25.35 23.72 2.70
C LYS A 778 25.10 23.18 4.10
N PHE A 779 26.00 23.47 5.05
CA PHE A 779 25.70 23.00 6.39
C PHE A 779 24.51 23.75 7.01
N GLN A 780 24.34 25.03 6.72
CA GLN A 780 23.19 25.73 7.26
C GLN A 780 21.95 25.14 6.60
N ALA A 781 22.00 24.91 5.29
CA ALA A 781 20.85 24.34 4.58
C ALA A 781 20.48 22.95 5.14
N ALA A 782 21.50 22.19 5.55
CA ALA A 782 21.35 20.83 6.10
C ALA A 782 20.68 20.89 7.46
N VAL A 783 21.06 21.87 8.27
CA VAL A 783 20.46 22.02 9.58
C VAL A 783 19.00 22.39 9.33
N GLU A 784 18.73 23.15 8.28
CA GLU A 784 17.34 23.50 7.98
C GLU A 784 16.54 22.25 7.57
N ARG A 785 17.05 21.47 6.61
CA ARG A 785 16.43 20.23 6.19
C ARG A 785 16.18 19.27 7.35
N PHE A 786 17.14 19.19 8.28
CA PHE A 786 16.94 18.31 9.42
C PHE A 786 15.82 18.81 10.35
N VAL A 787 15.57 20.12 10.40
CA VAL A 787 14.50 20.64 11.24
C VAL A 787 13.17 20.26 10.64
N TYR A 788 12.99 20.49 9.34
CA TYR A 788 11.74 20.07 8.73
C TYR A 788 11.54 18.55 8.75
N SER A 789 12.48 17.79 8.20
CA SER A 789 12.34 16.35 8.15
C SER A 789 12.18 15.74 9.55
N CYS A 790 12.81 16.33 10.57
CA CYS A 790 12.61 15.77 11.91
C CYS A 790 11.18 16.06 12.35
N ALA A 791 10.72 17.29 12.12
CA ALA A 791 9.35 17.66 12.46
C ALA A 791 8.37 16.76 11.67
N GLY A 792 8.73 16.50 10.42
CA GLY A 792 7.94 15.65 9.55
C GLY A 792 7.75 14.27 10.14
N TYR A 793 8.84 13.57 10.47
CA TYR A 793 8.70 12.20 10.97
C TYR A 793 8.20 12.11 12.41
N CYS A 794 8.40 13.14 13.22
CA CYS A 794 7.81 13.14 14.56
C CYS A 794 6.29 13.10 14.43
N VAL A 795 5.71 14.05 13.69
CA VAL A 795 4.26 14.12 13.50
C VAL A 795 3.78 12.85 12.80
N ALA A 796 4.43 12.44 11.70
CA ALA A 796 3.92 11.27 10.98
C ALA A 796 3.92 9.97 11.81
N THR A 797 5.02 9.71 12.51
CA THR A 797 5.12 8.50 13.33
C THR A 797 4.21 8.56 14.53
N PHE A 798 4.09 9.71 15.19
CA PHE A 798 3.25 9.77 16.38
C PHE A 798 1.81 9.32 16.06
N VAL A 799 1.30 9.82 14.93
CA VAL A 799 -0.06 9.52 14.46
C VAL A 799 -0.27 8.06 14.10
N LEU A 800 0.69 7.50 13.38
CA LEU A 800 0.64 6.10 12.99
C LEU A 800 0.96 5.17 14.17
N GLY A 801 1.38 5.76 15.30
CA GLY A 801 1.60 5.00 16.51
C GLY A 801 2.84 4.15 16.51
N ILE A 802 3.73 4.41 15.58
CA ILE A 802 5.06 3.80 15.48
C ILE A 802 6.22 4.61 16.03
N GLY A 803 5.91 5.68 16.76
CA GLY A 803 6.88 6.64 17.24
C GLY A 803 8.06 6.15 18.07
N ASP A 804 7.94 4.98 18.68
CA ASP A 804 9.01 4.51 19.57
C ASP A 804 9.94 3.57 18.85
N ARG A 805 11.12 4.09 18.51
CA ARG A 805 12.07 3.36 17.67
C ARG A 805 13.48 3.46 18.19
N HIS A 806 14.22 2.39 17.99
CA HIS A 806 15.65 2.24 18.21
C HIS A 806 16.45 3.11 17.23
N ASN A 807 17.62 3.65 17.62
CA ASN A 807 18.41 4.45 16.67
C ASN A 807 18.99 3.75 15.48
N ASP A 808 18.89 2.42 15.43
CA ASP A 808 19.40 1.69 14.28
C ASP A 808 18.45 1.84 13.12
N ASN A 809 17.19 2.14 13.45
CA ASN A 809 16.15 2.29 12.46
C ASN A 809 15.90 3.67 11.93
N ILE A 810 16.73 4.59 12.37
CA ILE A 810 16.60 5.93 11.86
C ILE A 810 17.85 6.27 11.02
N MET A 811 17.66 7.04 9.96
CA MET A 811 18.76 7.34 9.03
C MET A 811 18.82 8.81 8.70
N ILE A 812 19.98 9.26 8.20
CA ILE A 812 20.09 10.64 7.78
C ILE A 812 21.00 10.73 6.56
N THR A 813 20.73 11.71 5.73
CA THR A 813 21.57 11.85 4.59
C THR A 813 22.69 12.83 4.92
N GLU A 814 23.63 13.01 4.01
CA GLU A 814 24.71 13.97 4.30
C GLU A 814 24.22 15.35 4.03
N THR A 815 23.04 15.44 3.43
CA THR A 815 22.43 16.72 3.18
C THR A 815 21.45 17.10 4.29
N GLY A 816 21.40 16.30 5.36
CA GLY A 816 20.60 16.62 6.53
C GLY A 816 19.20 16.03 6.56
N ASN A 817 18.87 15.25 5.55
CA ASN A 817 17.53 14.69 5.50
C ASN A 817 17.42 13.44 6.34
N LEU A 818 16.53 13.51 7.31
CA LEU A 818 16.36 12.44 8.28
C LEU A 818 15.18 11.60 7.76
N PHE A 819 15.25 10.28 7.88
CA PHE A 819 14.13 9.42 7.48
C PHE A 819 14.14 8.12 8.29
N HIS A 820 12.97 7.64 8.65
CA HIS A 820 12.82 6.34 9.31
C HIS A 820 12.92 5.18 8.37
N ILE A 821 13.29 4.01 8.87
CA ILE A 821 13.32 2.85 7.96
C ILE A 821 12.87 1.59 8.68
N ASP A 822 12.83 0.48 7.95
CA ASP A 822 12.53 -0.83 8.53
C ASP A 822 11.23 -0.83 9.34
N PHE A 823 10.09 -0.71 8.69
CA PHE A 823 8.83 -0.63 9.43
C PHE A 823 8.25 -2.00 9.66
N GLY A 824 8.94 -3.05 9.23
CA GLY A 824 8.42 -4.38 9.47
C GLY A 824 9.05 -4.99 10.70
N HIS A 825 8.51 -4.48 11.83
CA HIS A 825 8.76 -4.91 13.20
C HIS A 825 7.47 -4.65 14.01
N GLU A 839 9.45 1.88 29.92
CA GLU A 839 9.11 3.27 29.67
C GLU A 839 8.81 3.48 28.19
N ARG A 840 8.29 4.64 27.81
CA ARG A 840 7.92 4.86 26.41
C ARG A 840 8.25 6.26 25.94
N VAL A 841 8.06 6.51 24.65
CA VAL A 841 8.16 7.86 24.13
C VAL A 841 7.17 8.02 22.94
N PRO A 842 6.58 9.22 22.78
CA PRO A 842 5.66 9.51 21.66
C PRO A 842 6.33 9.42 20.29
N PHE A 843 7.56 9.93 20.20
CA PHE A 843 8.34 9.81 18.99
C PHE A 843 9.81 9.94 19.38
N VAL A 844 10.72 9.99 18.43
CA VAL A 844 12.11 10.10 18.78
C VAL A 844 12.63 11.51 18.62
N LEU A 845 12.78 12.24 19.72
CA LEU A 845 13.53 13.48 19.71
C LEU A 845 14.55 13.28 20.85
N THR A 846 15.78 12.94 20.47
CA THR A 846 16.88 12.67 21.40
C THR A 846 17.73 13.89 21.60
N PRO A 847 18.52 13.93 22.70
CA PRO A 847 19.39 15.09 22.89
C PRO A 847 20.29 15.42 21.69
N ASP A 848 20.67 14.41 20.90
CA ASP A 848 21.52 14.62 19.73
C ASP A 848 20.77 15.33 18.60
N PHE A 849 19.47 15.07 18.47
CA PHE A 849 18.66 15.84 17.52
C PHE A 849 18.60 17.29 18.01
N LEU A 850 18.19 17.48 19.26
CA LEU A 850 18.10 18.80 19.88
C LEU A 850 19.37 19.67 19.79
N PHE A 851 20.53 19.05 20.01
CA PHE A 851 21.81 19.75 19.95
C PHE A 851 21.93 20.41 18.55
N VAL A 852 21.58 19.68 17.49
CA VAL A 852 21.63 20.26 16.15
C VAL A 852 20.70 21.47 15.99
N MET A 853 19.65 21.48 16.80
CA MET A 853 18.70 22.57 16.79
C MET A 853 19.21 23.66 17.74
N GLY A 854 20.36 23.48 18.38
CA GLY A 854 20.78 24.55 19.28
C GLY A 854 20.04 24.53 20.61
N THR A 855 19.92 23.33 21.21
CA THR A 855 19.23 23.12 22.49
C THR A 855 19.83 21.98 23.30
N SER A 856 20.21 22.37 24.50
CA SER A 856 20.64 21.49 25.57
C SER A 856 19.64 21.73 26.68
N GLY A 857 19.22 20.65 27.34
CA GLY A 857 17.89 20.56 27.92
C GLY A 857 17.43 21.69 28.82
N LYS A 858 16.19 22.10 28.52
CA LYS A 858 15.56 23.28 29.12
C LYS A 858 15.85 24.63 28.43
N LYS A 859 16.50 24.59 27.28
CA LYS A 859 16.85 25.82 26.60
C LYS A 859 16.16 25.85 25.26
N THR A 860 15.42 26.91 25.02
CA THR A 860 14.82 27.09 23.71
C THR A 860 15.75 27.81 22.79
N SER A 861 15.59 27.57 21.50
CA SER A 861 16.40 28.29 20.54
C SER A 861 15.63 28.63 19.24
N PRO A 862 16.25 29.39 18.31
CA PRO A 862 15.56 29.76 17.07
C PRO A 862 15.24 28.53 16.22
N HIS A 863 16.12 27.54 16.19
CA HIS A 863 15.83 26.37 15.38
C HIS A 863 14.79 25.53 16.12
N PHE A 864 14.94 25.37 17.43
CA PHE A 864 13.95 24.58 18.15
C PHE A 864 12.55 25.23 18.21
N GLN A 865 12.47 26.56 18.19
CA GLN A 865 11.16 27.20 18.10
C GLN A 865 10.55 26.94 16.73
N LYS A 866 11.36 27.04 15.67
CA LYS A 866 10.92 26.77 14.31
C LYS A 866 10.37 25.33 14.26
N PHE A 867 11.11 24.37 14.82
CA PHE A 867 10.66 22.98 14.95
C PHE A 867 9.25 22.89 15.58
N GLN A 868 9.08 23.36 16.82
CA GLN A 868 7.74 23.33 17.42
C GLN A 868 6.69 23.90 16.48
N ASP A 869 6.96 25.06 15.86
CA ASP A 869 6.00 25.72 14.98
C ASP A 869 5.59 24.87 13.79
N ILE A 870 6.58 24.20 13.24
CA ILE A 870 6.40 23.33 12.11
C ILE A 870 5.59 22.10 12.52
N CYS A 871 5.96 21.49 13.65
CA CYS A 871 5.20 20.36 14.16
C CYS A 871 3.72 20.65 14.28
N VAL A 872 3.40 21.73 15.01
CA VAL A 872 2.00 22.10 15.18
C VAL A 872 1.26 22.34 13.88
N LYS A 873 1.86 23.09 12.96
CA LYS A 873 1.19 23.33 11.68
C LYS A 873 0.96 22.02 10.95
N ALA A 874 1.97 21.17 10.97
CA ALA A 874 1.90 19.87 10.31
C ALA A 874 0.82 19.03 10.96
N TYR A 875 0.85 18.96 12.28
CA TYR A 875 -0.13 18.17 13.04
C TYR A 875 -1.57 18.62 12.78
N LEU A 876 -1.81 19.92 12.80
CA LEU A 876 -3.15 20.45 12.69
C LEU A 876 -3.69 20.29 11.26
N ALA A 877 -2.80 20.32 10.27
CA ALA A 877 -3.21 20.10 8.88
C ALA A 877 -3.75 18.68 8.68
N LEU A 878 -3.08 17.72 9.31
CA LEU A 878 -3.46 16.30 9.30
C LEU A 878 -4.86 16.10 9.93
N ARG A 879 -5.11 16.81 11.04
CA ARG A 879 -6.36 16.63 11.77
C ARG A 879 -7.57 16.94 10.89
N HIS A 880 -7.41 17.86 9.95
CA HIS A 880 -8.47 18.15 8.97
C HIS A 880 -8.77 16.93 8.10
N HIS A 881 -7.81 16.04 7.98
CA HIS A 881 -7.99 14.81 7.25
C HIS A 881 -8.30 13.60 8.14
N THR A 882 -8.67 13.84 9.39
CA THR A 882 -8.82 12.77 10.39
C THR A 882 -9.53 11.49 9.88
N ASN A 883 -10.70 11.62 9.27
CA ASN A 883 -11.40 10.42 8.77
C ASN A 883 -10.55 9.61 7.81
N LEU A 884 -9.91 10.31 6.88
CA LEU A 884 -9.02 9.70 5.90
C LEU A 884 -7.90 8.90 6.54
N LEU A 885 -7.22 9.52 7.49
CA LEU A 885 -6.13 8.85 8.14
C LEU A 885 -6.60 7.63 8.92
N ILE A 886 -7.72 7.78 9.63
CA ILE A 886 -8.29 6.69 10.40
C ILE A 886 -8.63 5.46 9.55
N ILE A 887 -9.32 5.66 8.44
CA ILE A 887 -9.66 4.56 7.54
C ILE A 887 -8.37 3.91 6.98
N LEU A 888 -7.43 4.72 6.50
CA LEU A 888 -6.15 4.24 6.01
C LEU A 888 -5.45 3.36 7.08
N PHE A 889 -5.34 3.89 8.28
CA PHE A 889 -4.72 3.22 9.42
C PHE A 889 -5.38 1.86 9.68
N SER A 890 -6.69 1.88 9.89
CA SER A 890 -7.46 0.67 10.16
C SER A 890 -7.30 -0.37 9.02
N MET A 891 -7.34 0.09 7.77
CA MET A 891 -7.11 -0.83 6.64
C MET A 891 -5.75 -1.47 6.65
N MET A 892 -4.75 -0.71 7.01
CA MET A 892 -3.40 -1.21 7.13
C MET A 892 -3.27 -2.36 8.14
N LEU A 893 -3.88 -2.19 9.31
CA LEU A 893 -3.86 -3.22 10.35
C LEU A 893 -4.50 -4.49 9.85
N MET A 894 -5.66 -4.35 9.24
CA MET A 894 -6.41 -5.49 8.78
C MET A 894 -5.61 -6.24 7.71
N THR A 895 -5.16 -5.51 6.69
CA THR A 895 -4.49 -6.15 5.56
C THR A 895 -3.02 -6.43 5.82
N GLY A 896 -2.35 -5.61 6.62
CA GLY A 896 -0.91 -5.83 6.73
C GLY A 896 -0.37 -6.43 8.03
N MET A 897 -1.12 -6.43 9.12
CA MET A 897 -0.50 -7.01 10.29
C MET A 897 -1.11 -8.39 10.57
N PRO A 898 -0.58 -9.11 11.59
CA PRO A 898 -1.23 -10.32 12.11
C PRO A 898 -2.54 -10.01 12.83
N GLN A 899 -3.20 -11.07 13.34
CA GLN A 899 -4.46 -10.87 14.07
C GLN A 899 -4.23 -9.87 15.20
N LEU A 900 -5.00 -8.79 15.15
CA LEU A 900 -4.95 -7.69 16.10
C LEU A 900 -6.35 -7.46 16.66
N THR A 901 -6.48 -6.53 17.60
CA THR A 901 -7.80 -6.21 18.15
C THR A 901 -8.44 -5.09 17.34
N SER A 902 -9.64 -5.34 16.85
CA SER A 902 -10.36 -4.34 16.08
C SER A 902 -10.59 -3.13 16.97
N LYS A 903 -11.04 -3.39 18.20
CA LYS A 903 -11.43 -2.37 19.21
C LYS A 903 -10.42 -1.45 19.94
N GLU A 904 -9.35 -2.05 20.49
CA GLU A 904 -8.25 -1.32 21.15
C GLU A 904 -7.04 -0.86 20.32
N ASP A 905 -6.51 -1.70 19.43
CA ASP A 905 -5.37 -1.30 18.59
C ASP A 905 -5.64 -0.08 17.72
N ILE A 906 -6.79 -0.08 17.05
CA ILE A 906 -7.20 1.03 16.20
C ILE A 906 -7.41 2.32 17.00
N GLU A 907 -8.01 2.18 18.17
CA GLU A 907 -8.36 3.29 19.05
C GLU A 907 -7.21 4.29 19.34
N TYR A 908 -5.96 3.84 19.24
CA TYR A 908 -4.76 4.65 19.52
C TYR A 908 -4.80 5.93 18.70
N ILE A 909 -5.04 5.77 17.41
CA ILE A 909 -5.02 6.87 16.46
C ILE A 909 -6.12 7.90 16.72
N ARG A 910 -7.19 7.52 17.40
CA ARG A 910 -8.15 8.51 17.84
C ARG A 910 -7.57 9.42 18.87
N ASP A 911 -6.88 8.84 19.82
CA ASP A 911 -6.20 9.64 20.80
C ASP A 911 -5.08 10.47 20.17
N ALA A 912 -4.31 9.82 19.30
CA ALA A 912 -3.23 10.48 18.60
C ALA A 912 -3.69 11.71 17.82
N LEU A 913 -4.87 11.62 17.19
CA LEU A 913 -5.42 12.72 16.39
C LEU A 913 -6.31 13.65 17.19
N THR A 914 -6.35 13.41 18.48
CA THR A 914 -7.10 14.26 19.40
C THR A 914 -8.52 14.56 18.89
N VAL A 915 -9.22 13.51 18.46
CA VAL A 915 -10.59 13.67 17.99
C VAL A 915 -11.50 14.35 19.00
N GLY A 916 -12.26 15.34 18.54
CA GLY A 916 -13.23 15.97 19.39
C GLY A 916 -12.67 17.20 20.06
N LYS A 917 -11.38 17.43 19.88
CA LYS A 917 -10.83 18.58 20.56
C LYS A 917 -10.78 19.76 19.57
N ASN A 918 -10.33 20.91 20.04
CA ASN A 918 -10.22 22.12 19.21
C ASN A 918 -8.75 22.41 19.00
N GLU A 919 -8.45 23.14 17.92
CA GLU A 919 -7.07 23.39 17.55
C GLU A 919 -6.22 23.90 18.71
N GLU A 920 -6.82 24.60 19.68
CA GLU A 920 -6.08 25.08 20.85
C GLU A 920 -5.61 23.91 21.71
N ASP A 921 -6.55 23.05 22.12
CA ASP A 921 -6.18 21.88 22.93
C ASP A 921 -5.25 20.99 22.13
N ALA A 922 -5.52 20.81 20.84
CA ALA A 922 -4.67 19.99 20.02
C ALA A 922 -3.21 20.53 20.01
N LYS A 923 -3.04 21.82 19.72
CA LYS A 923 -1.71 22.43 19.74
C LYS A 923 -1.01 22.17 21.08
N LYS A 924 -1.73 22.29 22.19
CA LYS A 924 -1.16 22.00 23.50
C LYS A 924 -0.72 20.57 23.65
N TYR A 925 -1.63 19.68 23.31
CA TYR A 925 -1.42 18.26 23.39
C TYR A 925 -0.12 17.82 22.73
N PHE A 926 0.13 18.33 21.53
CA PHE A 926 1.29 17.87 20.77
C PHE A 926 2.56 18.43 21.42
N LEU A 927 2.51 19.70 21.79
CA LEU A 927 3.63 20.35 22.45
C LEU A 927 4.05 19.64 23.73
N ASP A 928 3.09 19.13 24.47
CA ASP A 928 3.38 18.31 25.64
C ASP A 928 4.21 17.08 25.26
N GLN A 929 3.83 16.46 24.15
CA GLN A 929 4.51 15.27 23.66
C GLN A 929 5.98 15.56 23.45
N ILE A 930 6.25 16.70 22.83
CA ILE A 930 7.61 17.15 22.64
C ILE A 930 8.30 17.19 24.01
N GLU A 931 7.65 17.79 25.00
CA GLU A 931 8.23 17.89 26.34
C GLU A 931 8.57 16.51 26.90
N VAL A 932 7.68 15.55 26.71
CA VAL A 932 7.89 14.18 27.20
C VAL A 932 9.19 13.57 26.70
N CYS A 933 9.60 14.02 25.51
CA CYS A 933 10.80 13.55 24.87
C CYS A 933 12.05 14.21 25.44
N ARG A 934 11.91 15.47 25.84
CA ARG A 934 12.96 16.18 26.57
C ARG A 934 13.24 15.56 27.94
N ASP A 935 12.17 15.17 28.63
CA ASP A 935 12.28 14.61 29.99
C ASP A 935 12.86 13.19 30.00
N LYS A 936 12.64 12.46 28.93
CA LYS A 936 13.17 11.11 28.82
C LYS A 936 14.62 11.11 28.38
N GLY A 937 15.03 12.05 27.51
CA GLY A 937 16.39 12.10 27.01
C GLY A 937 16.79 10.81 26.34
N TRP A 938 17.86 10.21 26.85
CA TRP A 938 18.34 8.96 26.28
C TRP A 938 17.79 7.69 26.95
N THR A 939 16.85 7.82 27.88
CA THR A 939 16.42 6.61 28.57
C THR A 939 15.72 5.50 27.80
N VAL A 940 14.75 5.82 26.95
CA VAL A 940 14.06 4.81 26.12
C VAL A 940 15.08 4.26 25.12
N GLN A 941 15.85 5.15 24.52
CA GLN A 941 16.87 4.77 23.56
C GLN A 941 17.84 3.76 24.20
N PHE A 942 18.37 4.07 25.37
CA PHE A 942 19.27 3.15 26.03
C PHE A 942 18.58 1.78 26.25
N ASN A 943 17.31 1.79 26.66
CA ASN A 943 16.60 0.53 26.86
C ASN A 943 16.41 -0.25 25.58
N TRP A 944 16.08 0.42 24.50
CA TRP A 944 16.03 -0.29 23.22
C TRP A 944 17.38 -0.98 22.92
N PHE A 945 18.48 -0.32 23.25
CA PHE A 945 19.82 -0.86 22.97
C PHE A 945 20.09 -2.13 23.79
N LEU A 946 19.50 -2.19 24.97
CA LEU A 946 19.61 -3.35 25.85
C LEU A 946 18.74 -4.49 25.40
N HIS A 947 17.68 -4.20 24.67
CA HIS A 947 16.75 -5.25 24.27
C HIS A 947 17.29 -5.97 23.03
N LEU A 948 18.36 -5.44 22.47
CA LEU A 948 19.01 -5.98 21.26
C LEU A 948 20.51 -6.09 21.52
N VAL A 949 20.84 -6.85 22.57
CA VAL A 949 22.19 -7.06 23.08
C VAL A 949 22.20 -8.33 23.94
C1 0WR B . 28.52 1.34 1.96
N1 0WR B . 25.24 1.54 5.92
O1 0WR B . 19.12 3.94 1.84
C2 0WR B . 28.16 2.49 2.88
N2 0WR B . 22.29 1.50 5.45
O2 0WR B . 27.33 3.35 2.19
C3 0WR B . 29.44 3.24 3.30
N3 0WR B . 22.07 0.24 7.29
C4 0WR B . 27.47 1.95 4.20
N4 0WR B . 19.69 -0.60 6.77
C5 0WR B . 26.93 3.07 5.01
N5 0WR B . 18.77 0.21 4.74
C6 0WR B . 26.24 2.57 6.22
N6 0WR B . 19.88 1.70 3.25
C7 0WR B . 25.79 0.45 5.12
C8 0WR B . 26.48 0.96 3.90
C9 0WR B . 24.32 1.47 7.11
C10 0WR B . 22.91 1.05 6.64
C11 0WR B . 21.01 0.90 5.39
C12 0WR B . 20.86 0.13 6.54
C13 0WR B . 22.26 -0.46 8.53
C14 0WR B . 18.69 -0.53 5.88
C15 0WR B . 19.90 0.94 4.47
C16 0WR B . 20.84 2.65 2.85
C17 0WR B . 20.26 4.00 2.65
C18 0WR B . 18.13 3.11 2.41
C19 0WR B . 18.65 1.73 2.55
N7 0WR B . 17.52 -1.30 6.10
C20 0WR B . 16.24 -0.96 5.68
C21 0WR B . 15.72 0.12 4.99
C22 0WR B . 14.37 0.16 4.73
C23 0WR B . 13.54 -0.87 5.13
C24 0WR B . 14.05 -1.96 5.82
C25 0WR B . 15.41 -2.00 6.11
N8 0WR B . 16.19 -2.91 6.74
C26 0WR B . 17.44 -2.50 6.74
N9 0WR B . 18.49 -3.19 7.31
C27 0WR B . 19.49 -3.59 6.31
C28 0WR B . 18.03 -4.34 8.10
#